data_6NBF
#
_entry.id   6NBF
#
_cell.length_a   1
_cell.length_b   1
_cell.length_c   1
_cell.angle_alpha   90.00
_cell.angle_beta   90.00
_cell.angle_gamma   90.00
#
_symmetry.space_group_name_H-M   'P 1'
#
loop_
_entity.id
_entity.type
_entity.pdbx_description
1 polymer 'Parathyroid hormone/parathyroid hormone-related peptide receptor'
2 polymer 'Long-acting parathyroid hormone analog'
3 polymer 'Gs protein alpha subunit'
4 polymer 'Guanine nucleotide-binding protein G(I)/G(S)/G(T) subunit beta-1'
5 polymer 'Guanine nucleotide-binding protein G(I)/G(S)/G(O) subunit gamma-2'
6 polymer Nanobody-35
7 non-polymer CHOLESTEROL
8 non-polymer 'PALMITIC ACID'
#
loop_
_entity_poly.entity_id
_entity_poly.type
_entity_poly.pdbx_seq_one_letter_code
_entity_poly.pdbx_strand_id
1 'polypeptide(L)'
;DADDVMTKEEQIFLLHRAQAQCEKRLKEVLQRPASIMESDKGWTSASTSGKPRKDKASGKLYPESEEDKEAPTGSRYRGR
PCLPEWDHILCWPLGAPGEVVAVPCPDYIYDFNHKGHAYRRCDRNGSWELVPGHNRTWANYSECVKFLTNETREREVFDR
LAMIYTVGYSVSLASLTVAVLILAYFRRLHCTRNYIHMHLFLSFMLRAVSIFVKDAVLYSGATLDEAERLTEEELRAIAQ
APPPPATAAAGYAGCRVAVTFFLYFLATNYYWILVEGLYLHSLIFMAFFSEKKYLWGFTVFGWGLPAVFVAVWVSVRATL
ANTGCWDLSSGNKKWIIQVPILASIVLNFILFINIVRVLATKLRETNAGRCDTRQQYRKLLKSTLVLMPLFGVHYIVFMA
TPYTEVSGTLWQVQMHYEMLFNSFQGFFVAIIYCFCNGEVQAEIKKSWSRWTLALDFKRKARSGSSSYSYGPMVSHEF
;
R
2 'polypeptide(L)' AVAEIQLMHQRAKWIQDARRRAFLHKLIAEIHTAEI P
3 'polypeptide(L)'
;MGCLGNSKTEDQRNEEKAQREANKKIEKQLQKDKQVYRATHRLLLLGAGESGKSTIVKQMRILHVNGYSEEECKQYKAVV
YSNTIQSIIAIIRAMGRLKIDFGDSARADDARQLFVLAGAAEEGFMTAELAGVIKRLWKDSGVQACFNRSREYQLNDSAA
YYLNDLDRIAQPNYIPTQQDVLRTRVKTTGIFETKFQVDKVNFHMFDVGGQRDERRKWIQCFNDVTAIIFVVASSSYNMV
IREDNQTNRLQEALNLFKSIWNNRWLRTISVILFLNKQDLLAEKVLAGKSKIEDYFPEFARYTTPEDATPEPGEDPRVTR
AKYFIRDEFLRISTASGDGRHYCYPHFTCAVDTENIRRVFNDCRDIIQRMHLRQYELL
;
A
4 'polypeptide(L)'
;MGSLLQSELDQLRQEAEQLKNQIRDARKACADATLSQITNNIDPVGRIQMRTRRTLRGHLAKIYAMHWGTDSRLLVSASQ
DGKLIIWDSYTTNKVHAIPLRSSWVMTCAYAPSGNYVACGGLDNICSIYNLKTREGNVRVSRELAGHTGYLSCCRFLDDN
QIVTSSGDTTCALWDIETGQQTTTFTGHTGDVMSLSLAPDTRLFVSGACDASAKLWDVREGMCRQTFTGHESDINAICFF
PNGNAFATGSDDATCRLFDLRADQELMTYSHDNIICGITSVSFSKSGRLLLAGYDDFNCNVWDALKADRAGVLAGHDNRV
SCLGVTDDGMAVATGSWDSFLKIWN
;
B
5 'polypeptide(L)' MASNNTASIAQARKLVEQLKMEANIDRIKVSKAAADLMAYCEAHAKEDPLLTPVPASENPFREKKFFCAIL G
6 'polypeptide(L)'
;QVQLQESGGGLVQPGGSLRLSCAASGFTFSNYKMNWVRQAPGKGLEWVSDISQSGASISYTGSVKGRFTISRDNAKNTLY
LQMNSLKPEDTAVYYCARCPAPFTRDCFDVTSTTYAYRGQGTQVTV
;
N
#
loop_
_chem_comp.id
_chem_comp.type
_chem_comp.name
_chem_comp.formula
CLR non-polymer CHOLESTEROL 'C27 H46 O'
PLM non-polymer 'PALMITIC ACID' 'C16 H32 O2'
#
# COMPACT_ATOMS: atom_id res chain seq x y z
N VAL A 5 59.10 -1.77 -6.28
CA VAL A 5 59.86 -0.61 -5.80
C VAL A 5 60.95 -1.07 -4.83
N MET A 6 61.77 -0.12 -4.38
CA MET A 6 62.85 -0.38 -3.44
C MET A 6 62.59 0.35 -2.14
N THR A 7 62.70 -0.38 -1.03
CA THR A 7 62.50 0.18 0.30
C THR A 7 63.66 1.09 0.67
N LYS A 8 63.39 2.04 1.57
CA LYS A 8 64.37 3.02 2.02
C LYS A 8 65.47 2.39 2.91
N GLU A 9 65.34 1.11 3.26
CA GLU A 9 66.31 0.43 4.11
C GLU A 9 67.38 -0.29 3.30
N GLU A 10 67.00 -0.82 2.13
CA GLU A 10 67.94 -1.54 1.26
C GLU A 10 69.03 -0.61 0.75
N GLN A 11 68.67 0.65 0.50
CA GLN A 11 69.59 1.66 -0.03
C GLN A 11 70.83 1.82 0.84
N ILE A 12 70.64 1.85 2.17
CA ILE A 12 71.73 2.00 3.13
C ILE A 12 72.66 0.78 3.05
N PHE A 13 72.06 -0.41 2.97
CA PHE A 13 72.84 -1.65 2.87
C PHE A 13 73.66 -1.68 1.58
N LEU A 14 73.07 -1.23 0.47
CA LEU A 14 73.77 -1.15 -0.81
C LEU A 14 74.95 -0.18 -0.73
N LEU A 15 74.75 0.96 -0.05
CA LEU A 15 75.83 1.94 0.12
C LEU A 15 76.97 1.35 0.95
N HIS A 16 76.64 0.63 2.03
CA HIS A 16 77.66 -0.01 2.86
C HIS A 16 78.44 -1.08 2.09
N ARG A 17 77.72 -1.88 1.28
CA ARG A 17 78.37 -2.91 0.47
C ARG A 17 79.30 -2.27 -0.57
N ALA A 18 78.84 -1.19 -1.21
CA ALA A 18 79.66 -0.47 -2.18
C ALA A 18 80.90 0.13 -1.53
N GLN A 19 80.74 0.66 -0.31
CA GLN A 19 81.87 1.21 0.45
C GLN A 19 82.88 0.12 0.80
N ALA A 20 82.39 -1.06 1.19
CA ALA A 20 83.26 -2.20 1.52
C ALA A 20 84.04 -2.65 0.29
N GLN A 21 83.36 -2.73 -0.87
CA GLN A 21 84.02 -3.11 -2.12
C GLN A 21 85.07 -2.08 -2.52
N CYS A 22 84.76 -0.79 -2.34
CA CYS A 22 85.71 0.27 -2.63
C CYS A 22 86.93 0.18 -1.73
N GLU A 23 86.71 -0.15 -0.44
CA GLU A 23 87.81 -0.32 0.51
C GLU A 23 88.71 -1.48 0.09
N LYS A 24 88.10 -2.56 -0.41
CA LYS A 24 88.88 -3.69 -0.91
C LYS A 24 89.70 -3.28 -2.13
N ARG A 25 89.11 -2.45 -3.00
CA ARG A 25 89.84 -1.92 -4.16
C ARG A 25 90.99 -1.01 -3.70
N LEU A 26 90.78 -0.24 -2.62
CA LEU A 26 91.84 0.59 -2.05
C LEU A 26 93.01 -0.26 -1.58
N LYS A 27 92.70 -1.38 -0.91
CA LYS A 27 93.73 -2.29 -0.43
C LYS A 27 94.46 -2.94 -1.60
N GLU A 28 93.72 -3.35 -2.64
CA GLU A 28 94.33 -3.96 -3.82
C GLU A 28 95.23 -2.97 -4.56
N VAL A 29 94.78 -1.73 -4.71
CA VAL A 29 95.55 -0.70 -5.40
C VAL A 29 96.46 0.00 -4.39
N GLY A 79 103.73 13.43 -12.04
CA GLY A 79 104.41 12.17 -11.79
C GLY A 79 103.82 11.38 -10.63
N ARG A 80 102.70 11.87 -10.10
CA ARG A 80 102.02 11.22 -8.99
C ARG A 80 100.51 11.33 -9.19
N PRO A 81 99.80 10.21 -9.34
CA PRO A 81 98.36 10.26 -9.59
C PRO A 81 97.54 10.54 -8.34
N CYS A 82 96.36 11.14 -8.56
CA CYS A 82 95.30 11.20 -7.56
C CYS A 82 94.91 9.80 -7.11
N LEU A 83 94.95 9.58 -5.79
CA LEU A 83 94.65 8.28 -5.20
C LEU A 83 93.17 7.94 -5.36
N PRO A 84 92.83 6.63 -5.43
CA PRO A 84 91.41 6.22 -5.42
C PRO A 84 90.74 6.58 -4.10
N GLU A 85 89.45 6.92 -4.16
CA GLU A 85 88.75 7.31 -2.94
C GLU A 85 87.25 7.02 -3.02
N TRP A 86 86.62 7.00 -1.85
CA TRP A 86 85.18 6.80 -1.69
C TRP A 86 84.55 8.09 -1.19
N ASP A 87 83.61 8.66 -1.95
CA ASP A 87 82.97 9.92 -1.55
C ASP A 87 81.50 9.71 -1.17
N HIS A 88 81.21 8.59 -0.49
CA HIS A 88 79.89 8.15 0.00
C HIS A 88 78.86 7.88 -1.10
N ILE A 89 79.21 8.13 -2.36
CA ILE A 89 78.36 7.82 -3.50
C ILE A 89 79.09 6.91 -4.48
N LEU A 90 80.29 7.32 -4.90
CA LEU A 90 81.08 6.58 -5.88
C LEU A 90 82.49 6.33 -5.37
N CYS A 91 83.09 5.27 -5.91
CA CYS A 91 84.50 4.97 -5.71
C CYS A 91 85.27 5.41 -6.96
N TRP A 92 86.27 6.25 -6.77
CA TRP A 92 86.98 6.94 -7.83
C TRP A 92 88.32 6.27 -8.08
N PRO A 93 88.65 5.98 -9.35
CA PRO A 93 89.93 5.35 -9.70
C PRO A 93 91.13 6.29 -9.61
N LEU A 94 92.31 5.73 -9.90
CA LEU A 94 93.58 6.48 -9.99
C LEU A 94 93.43 7.65 -10.97
N GLY A 95 93.54 8.87 -10.43
CA GLY A 95 93.35 10.09 -11.19
C GLY A 95 94.61 10.56 -11.90
N ALA A 96 94.64 10.43 -13.23
CA ALA A 96 95.73 10.92 -14.06
C ALA A 96 95.93 12.41 -13.83
N PRO A 97 97.18 12.88 -13.62
CA PRO A 97 97.43 14.29 -13.32
C PRO A 97 97.05 15.23 -14.46
N GLY A 98 96.30 16.28 -14.11
CA GLY A 98 95.93 17.33 -15.05
C GLY A 98 94.75 17.00 -15.93
N GLU A 99 94.18 15.80 -15.83
CA GLU A 99 93.08 15.39 -16.68
C GLU A 99 91.84 15.09 -15.83
N VAL A 100 90.67 15.37 -16.43
CA VAL A 100 89.39 15.08 -15.80
C VAL A 100 89.15 13.57 -15.84
N VAL A 101 88.56 13.04 -14.78
CA VAL A 101 88.18 11.64 -14.69
C VAL A 101 86.66 11.56 -14.76
N ALA A 102 86.15 10.81 -15.74
CA ALA A 102 84.73 10.64 -15.98
C ALA A 102 84.35 9.22 -15.56
N VAL A 103 83.50 9.11 -14.54
CA VAL A 103 83.07 7.82 -14.03
C VAL A 103 81.58 7.67 -14.27
N PRO A 104 81.13 6.59 -14.95
CA PRO A 104 79.70 6.38 -15.20
C PRO A 104 78.85 6.38 -13.92
N CYS A 105 77.66 6.95 -14.03
CA CYS A 105 76.72 7.05 -12.92
C CYS A 105 76.35 5.64 -12.43
N PRO A 106 76.25 5.45 -11.10
CA PRO A 106 76.15 4.09 -10.53
C PRO A 106 74.87 3.37 -10.90
N ASP A 107 74.95 2.04 -10.93
CA ASP A 107 73.86 1.17 -11.35
C ASP A 107 73.06 0.65 -10.15
N TYR A 108 73.39 1.12 -8.94
CA TYR A 108 72.67 0.71 -7.73
C TYR A 108 71.88 1.88 -7.14
N ILE A 109 71.60 2.91 -7.95
CA ILE A 109 70.77 4.04 -7.54
C ILE A 109 69.57 4.10 -8.46
N TYR A 110 68.38 3.82 -7.90
CA TYR A 110 67.13 3.78 -8.64
C TYR A 110 66.83 5.13 -9.31
N ASP A 111 67.15 6.23 -8.65
CA ASP A 111 66.74 7.56 -9.08
C ASP A 111 67.78 8.26 -9.98
N PHE A 112 68.84 7.57 -10.37
CA PHE A 112 69.87 8.18 -11.22
C PHE A 112 69.78 7.67 -12.65
N ASN A 113 70.13 8.54 -13.59
CA ASN A 113 70.26 8.18 -14.99
C ASN A 113 71.60 7.46 -15.14
N HIS A 114 71.55 6.17 -15.48
CA HIS A 114 72.71 5.29 -15.49
C HIS A 114 73.74 5.72 -16.53
N LYS A 115 73.27 6.24 -17.67
CA LYS A 115 74.10 6.49 -18.85
C LYS A 115 75.19 7.54 -18.58
N GLY A 116 74.83 8.63 -17.89
CA GLY A 116 75.70 9.79 -17.64
C GLY A 116 77.05 9.52 -17.00
N HIS A 117 77.88 10.56 -16.96
CA HIS A 117 79.24 10.48 -16.40
C HIS A 117 79.47 11.61 -15.39
N ALA A 118 80.08 11.24 -14.27
CA ALA A 118 80.44 12.18 -13.19
C ALA A 118 81.85 12.68 -13.45
N TYR A 119 81.97 13.98 -13.74
CA TYR A 119 83.24 14.66 -13.98
C TYR A 119 83.92 15.02 -12.66
N ARG A 120 85.20 14.69 -12.53
CA ARG A 120 86.01 15.17 -11.41
C ARG A 120 87.45 15.38 -11.88
N ARG A 121 87.95 16.60 -11.76
CA ARG A 121 89.26 16.97 -12.28
C ARG A 121 90.34 16.78 -11.21
N CYS A 122 91.38 16.02 -11.57
CA CYS A 122 92.59 15.85 -10.77
C CYS A 122 93.66 16.85 -11.22
N ASP A 123 94.31 17.50 -10.25
CA ASP A 123 95.29 18.53 -10.58
C ASP A 123 96.69 17.92 -10.67
N ARG A 124 97.69 18.75 -10.93
CA ARG A 124 99.07 18.33 -11.15
C ARG A 124 99.80 17.99 -9.85
N ASN A 125 99.17 18.15 -8.67
CA ASN A 125 99.83 17.85 -7.40
C ASN A 125 99.40 16.53 -6.78
N GLY A 126 98.47 15.80 -7.42
CA GLY A 126 98.06 14.50 -6.94
C GLY A 126 96.94 14.51 -5.92
N SER A 127 96.25 15.63 -5.76
CA SER A 127 95.11 15.75 -4.86
C SER A 127 93.87 16.10 -5.68
N TRP A 128 92.69 15.86 -5.11
CA TRP A 128 91.46 16.19 -5.80
C TRP A 128 91.16 17.68 -5.64
N GLU A 129 90.69 18.29 -6.72
CA GLU A 129 90.39 19.73 -6.77
C GLU A 129 89.37 20.10 -5.70
N LEU A 130 89.69 21.16 -4.94
CA LEU A 130 88.78 21.71 -3.95
C LEU A 130 87.96 22.84 -4.57
N VAL A 131 86.77 23.04 -4.02
CA VAL A 131 85.87 24.13 -4.43
C VAL A 131 86.52 25.46 -4.04
N PRO A 132 86.60 26.45 -4.97
CA PRO A 132 87.17 27.77 -4.65
C PRO A 132 86.51 28.45 -3.45
N GLY A 133 87.29 28.65 -2.39
CA GLY A 133 86.82 29.26 -1.15
C GLY A 133 86.35 28.27 -0.11
N HIS A 134 86.36 26.98 -0.44
CA HIS A 134 85.90 25.93 0.47
C HIS A 134 86.96 24.84 0.57
N ASN A 135 86.73 23.89 1.49
CA ASN A 135 87.56 22.71 1.64
C ASN A 135 86.84 21.45 1.14
N ARG A 136 85.79 21.63 0.34
CA ARG A 136 85.01 20.52 -0.20
C ARG A 136 85.52 20.14 -1.58
N THR A 137 85.39 18.86 -1.91
CA THR A 137 85.90 18.32 -3.17
C THR A 137 84.97 18.71 -4.32
N TRP A 138 85.57 19.26 -5.39
CA TRP A 138 84.80 19.65 -6.56
C TRP A 138 84.46 18.42 -7.40
N ALA A 139 83.23 18.40 -7.91
CA ALA A 139 82.74 17.35 -8.80
C ALA A 139 81.51 17.85 -9.53
N ASN A 140 81.33 17.38 -10.76
CA ASN A 140 80.19 17.71 -11.60
C ASN A 140 79.34 16.45 -11.75
N TYR A 141 78.19 16.44 -11.08
CA TYR A 141 77.23 15.34 -11.10
C TYR A 141 76.00 15.67 -11.94
N SER A 142 76.13 16.63 -12.87
CA SER A 142 75.00 17.10 -13.67
C SER A 142 74.40 15.99 -14.54
N GLU A 143 75.27 15.15 -15.11
CA GLU A 143 74.84 14.07 -16.00
C GLU A 143 74.00 13.03 -15.26
N CYS A 144 74.36 12.73 -14.01
CA CYS A 144 73.67 11.70 -13.23
C CYS A 144 72.21 12.06 -12.94
N VAL A 145 71.94 13.32 -12.62
CA VAL A 145 70.59 13.75 -12.22
C VAL A 145 69.81 14.34 -13.39
N LYS A 146 69.40 13.48 -14.32
CA LYS A 146 68.63 13.90 -15.50
C LYS A 146 67.13 13.63 -15.36
N PHE A 147 66.68 13.22 -14.16
CA PHE A 147 65.25 12.93 -13.94
C PHE A 147 64.76 13.67 -12.69
N LEU A 148 64.55 14.98 -12.84
CA LEU A 148 64.02 15.83 -11.77
C LEU A 148 62.86 16.66 -12.31
N THR A 149 61.97 16.01 -13.08
CA THR A 149 60.85 16.69 -13.71
C THR A 149 59.85 17.22 -12.69
N ASN A 150 59.49 16.39 -11.71
CA ASN A 150 58.55 16.78 -10.66
C ASN A 150 58.98 16.20 -9.32
N GLU A 151 58.79 16.98 -8.25
CA GLU A 151 59.11 16.56 -6.90
C GLU A 151 57.86 16.53 -6.03
N THR A 152 57.19 17.68 -5.87
CA THR A 152 55.96 17.78 -5.07
C THR A 152 54.76 18.26 -5.89
N ARG A 153 54.90 18.38 -7.21
CA ARG A 153 53.82 18.88 -8.06
C ARG A 153 52.66 17.90 -8.12
N GLU A 154 52.94 16.59 -8.13
CA GLU A 154 51.90 15.57 -8.22
C GLU A 154 51.13 15.40 -6.91
N ARG A 155 51.63 15.98 -5.81
CA ARG A 155 50.97 15.88 -4.51
C ARG A 155 49.64 16.64 -4.50
N GLU A 156 49.56 17.72 -5.29
CA GLU A 156 48.34 18.53 -5.43
C GLU A 156 47.15 17.67 -5.89
N VAL A 157 47.42 16.71 -6.78
CA VAL A 157 46.37 15.81 -7.27
C VAL A 157 45.83 14.95 -6.13
N PHE A 158 46.73 14.48 -5.25
CA PHE A 158 46.32 13.66 -4.12
C PHE A 158 45.54 14.48 -3.08
N ASP A 159 45.88 15.76 -2.93
CA ASP A 159 45.15 16.61 -1.99
C ASP A 159 43.77 16.96 -2.54
N ARG A 160 43.69 17.22 -3.85
CA ARG A 160 42.43 17.46 -4.54
C ARG A 160 41.47 16.29 -4.35
N LEU A 161 41.94 15.07 -4.66
CA LEU A 161 41.11 13.87 -4.53
C LEU A 161 40.74 13.62 -3.05
N ALA A 162 41.70 13.81 -2.14
CA ALA A 162 41.47 13.65 -0.71
C ALA A 162 40.47 14.67 -0.16
N MET A 163 40.24 15.76 -0.88
CA MET A 163 39.25 16.74 -0.46
C MET A 163 37.88 16.44 -1.04
N ILE A 164 37.82 16.03 -2.32
CA ILE A 164 36.52 15.81 -2.95
C ILE A 164 35.84 14.55 -2.40
N TYR A 165 36.59 13.52 -1.98
CA TYR A 165 35.88 12.40 -1.36
C TYR A 165 35.54 12.70 0.10
N THR A 166 36.27 13.60 0.76
CA THR A 166 35.92 14.00 2.12
C THR A 166 34.60 14.78 2.11
N VAL A 167 34.41 15.64 1.12
CA VAL A 167 33.17 16.41 0.98
C VAL A 167 32.02 15.46 0.64
N GLY A 168 32.22 14.57 -0.34
CA GLY A 168 31.21 13.62 -0.72
C GLY A 168 30.79 12.67 0.39
N TYR A 169 31.76 12.17 1.15
CA TYR A 169 31.47 11.25 2.25
C TYR A 169 31.10 11.97 3.54
N SER A 170 31.09 13.30 3.54
CA SER A 170 30.46 14.05 4.63
C SER A 170 28.98 14.24 4.33
N VAL A 171 28.68 14.66 3.10
CA VAL A 171 27.30 14.88 2.67
C VAL A 171 26.53 13.55 2.66
N SER A 172 27.18 12.48 2.18
CA SER A 172 26.53 11.17 2.11
C SER A 172 26.46 10.47 3.47
N LEU A 173 27.11 11.01 4.49
CA LEU A 173 26.93 10.52 5.86
C LEU A 173 25.77 11.24 6.52
N ALA A 174 25.74 12.58 6.37
CA ALA A 174 24.70 13.40 6.97
C ALA A 174 23.33 13.06 6.39
N SER A 175 23.23 13.01 5.06
CA SER A 175 21.94 12.76 4.42
C SER A 175 21.52 11.29 4.50
N LEU A 176 22.40 10.39 4.95
CA LEU A 176 22.04 8.99 5.16
C LEU A 176 21.99 8.60 6.63
N THR A 177 22.04 9.58 7.54
CA THR A 177 21.66 9.29 8.93
C THR A 177 20.20 9.65 9.17
N VAL A 178 19.73 10.72 8.51
CA VAL A 178 18.32 11.11 8.52
C VAL A 178 17.47 10.01 7.90
N ALA A 179 17.96 9.39 6.83
CA ALA A 179 17.21 8.34 6.11
C ALA A 179 16.97 7.13 7.01
N VAL A 180 17.98 6.71 7.76
CA VAL A 180 17.85 5.54 8.61
C VAL A 180 17.00 5.87 9.83
N LEU A 181 17.07 7.12 10.29
CA LEU A 181 16.19 7.60 11.37
C LEU A 181 14.72 7.51 10.95
N ILE A 182 14.41 8.04 9.76
CA ILE A 182 13.04 8.06 9.24
C ILE A 182 12.52 6.64 9.02
N LEU A 183 13.31 5.79 8.34
CA LEU A 183 12.88 4.42 8.04
C LEU A 183 12.68 3.59 9.32
N ALA A 184 13.64 3.67 10.24
CA ALA A 184 13.56 2.89 11.48
C ALA A 184 12.42 3.36 12.38
N TYR A 185 12.28 4.67 12.54
CA TYR A 185 11.32 5.25 13.48
C TYR A 185 9.87 4.89 13.13
N PHE A 186 9.46 5.14 11.88
CA PHE A 186 8.09 4.94 11.46
C PHE A 186 7.71 3.46 11.45
N ARG A 187 6.46 3.19 11.82
CA ARG A 187 5.95 1.82 11.94
C ARG A 187 5.50 1.27 10.59
N ARG A 188 4.80 2.09 9.80
CA ARG A 188 4.15 1.62 8.58
C ARG A 188 5.12 1.61 7.40
N LEU A 189 6.37 2.05 7.61
CA LEU A 189 7.41 1.92 6.59
C LEU A 189 8.24 0.66 6.79
N HIS A 190 7.75 -0.29 7.59
CA HIS A 190 8.47 -1.54 7.82
C HIS A 190 7.99 -2.57 6.82
N CYS A 191 8.93 -3.04 5.99
CA CYS A 191 8.67 -4.03 4.96
C CYS A 191 10.01 -4.68 4.61
N THR A 192 9.93 -5.79 3.88
CA THR A 192 11.11 -6.50 3.40
C THR A 192 11.99 -5.59 2.54
N ARG A 193 11.35 -4.80 1.67
CA ARG A 193 12.03 -3.78 0.87
C ARG A 193 12.79 -2.78 1.74
N ASN A 194 12.16 -2.33 2.83
CA ASN A 194 12.75 -1.29 3.67
C ASN A 194 13.58 -1.87 4.81
N TYR A 195 13.80 -3.18 4.82
CA TYR A 195 14.86 -3.78 5.62
C TYR A 195 16.15 -3.79 4.82
N ILE A 196 16.04 -4.19 3.55
CA ILE A 196 17.19 -4.26 2.66
C ILE A 196 17.72 -2.86 2.36
N HIS A 197 16.81 -1.88 2.21
CA HIS A 197 17.24 -0.49 2.07
C HIS A 197 17.97 0.02 3.32
N MET A 198 17.57 -0.46 4.52
CA MET A 198 18.25 -0.05 5.75
C MET A 198 19.64 -0.66 5.84
N HIS A 199 19.79 -1.93 5.42
CA HIS A 199 21.12 -2.53 5.39
C HIS A 199 22.02 -1.84 4.36
N LEU A 200 21.44 -1.39 3.24
CA LEU A 200 22.18 -0.63 2.26
C LEU A 200 22.70 0.68 2.86
N PHE A 201 21.79 1.43 3.49
CA PHE A 201 22.13 2.75 4.03
C PHE A 201 23.15 2.63 5.16
N LEU A 202 23.06 1.57 5.98
CA LEU A 202 24.05 1.41 7.04
C LEU A 202 25.38 0.91 6.48
N SER A 203 25.38 0.34 5.28
CA SER A 203 26.65 -0.03 4.66
C SER A 203 27.32 1.18 4.01
N PHE A 204 26.51 2.11 3.49
CA PHE A 204 27.03 3.40 3.02
C PHE A 204 27.65 4.18 4.18
N MET A 205 26.99 4.15 5.34
CA MET A 205 27.50 4.87 6.52
C MET A 205 28.80 4.26 7.02
N LEU A 206 28.88 2.91 7.08
CA LEU A 206 30.10 2.26 7.55
C LEU A 206 31.25 2.43 6.55
N ARG A 207 30.94 2.50 5.25
CA ARG A 207 31.95 2.84 4.24
C ARG A 207 32.52 4.23 4.50
N ALA A 208 31.63 5.23 4.65
CA ALA A 208 32.03 6.62 4.87
C ALA A 208 32.95 6.75 6.10
N VAL A 209 32.56 6.15 7.23
CA VAL A 209 33.38 6.30 8.43
C VAL A 209 34.67 5.47 8.32
N SER A 210 34.66 4.38 7.53
CA SER A 210 35.90 3.64 7.30
C SER A 210 36.81 4.32 6.30
N ILE A 211 36.32 5.37 5.65
CA ILE A 211 37.17 6.23 4.83
C ILE A 211 37.82 7.30 5.70
N PHE A 212 37.01 7.93 6.56
CA PHE A 212 37.50 8.99 7.44
C PHE A 212 38.58 8.48 8.40
N VAL A 213 38.36 7.29 8.99
CA VAL A 213 39.31 6.70 9.94
C VAL A 213 40.66 6.47 9.25
N LYS A 214 40.63 5.82 8.09
CA LYS A 214 41.86 5.51 7.35
C LYS A 214 42.58 6.79 6.93
N ASP A 215 41.82 7.80 6.49
CA ASP A 215 42.42 9.06 6.06
C ASP A 215 43.11 9.76 7.23
N ALA A 216 42.47 9.74 8.41
CA ALA A 216 43.03 10.36 9.61
C ALA A 216 44.32 9.66 10.06
N VAL A 217 44.31 8.32 10.08
CA VAL A 217 45.50 7.57 10.51
C VAL A 217 46.63 7.71 9.48
N LEU A 218 46.29 7.83 8.19
CA LEU A 218 47.28 8.08 7.14
C LEU A 218 47.90 9.46 7.30
N TYR A 219 47.08 10.46 7.62
CA TYR A 219 47.55 11.83 7.81
C TYR A 219 48.50 11.90 9.02
N SER A 220 47.98 11.52 10.19
CA SER A 220 48.74 11.53 11.45
C SER A 220 50.00 10.66 11.37
N ALA A 250 54.64 1.79 11.63
CA ALA A 250 54.13 1.07 10.47
C ALA A 250 53.81 -0.37 10.83
N GLY A 251 54.67 -0.97 11.66
CA GLY A 251 54.43 -2.31 12.19
C GLY A 251 53.21 -2.37 13.09
N TYR A 252 52.98 -1.30 13.86
CA TYR A 252 51.93 -1.23 14.87
C TYR A 252 50.55 -1.47 14.27
N ALA A 253 49.79 -2.36 14.93
CA ALA A 253 48.54 -2.96 14.44
C ALA A 253 47.43 -1.97 14.08
N GLY A 254 47.46 -0.75 14.63
CA GLY A 254 46.43 0.25 14.32
C GLY A 254 46.28 0.55 12.84
N CYS A 255 47.41 0.59 12.13
CA CYS A 255 47.40 0.81 10.69
C CYS A 255 46.79 -0.37 9.95
N ARG A 256 47.09 -1.60 10.41
CA ARG A 256 46.59 -2.80 9.72
C ARG A 256 45.09 -3.01 9.98
N VAL A 257 44.62 -2.74 11.21
CA VAL A 257 43.18 -2.82 11.50
C VAL A 257 42.43 -1.76 10.70
N ALA A 258 43.01 -0.56 10.57
CA ALA A 258 42.42 0.51 9.76
C ALA A 258 42.25 0.07 8.31
N VAL A 259 43.29 -0.52 7.72
CA VAL A 259 43.25 -0.93 6.32
C VAL A 259 42.29 -2.11 6.13
N THR A 260 42.21 -3.00 7.12
CA THR A 260 41.33 -4.17 7.04
C THR A 260 39.86 -3.74 7.06
N PHE A 261 39.49 -2.83 7.96
CA PHE A 261 38.10 -2.38 8.03
C PHE A 261 37.74 -1.49 6.84
N PHE A 262 38.72 -0.77 6.28
CA PHE A 262 38.55 -0.06 5.02
C PHE A 262 38.13 -1.02 3.90
N LEU A 263 38.94 -2.07 3.65
CA LEU A 263 38.66 -2.97 2.54
C LEU A 263 37.79 -4.15 2.97
N TYR A 264 37.09 -4.01 4.10
CA TYR A 264 35.96 -4.87 4.42
C TYR A 264 34.64 -4.15 4.19
N PHE A 265 34.51 -2.92 4.71
CA PHE A 265 33.27 -2.16 4.51
C PHE A 265 33.08 -1.75 3.05
N LEU A 266 34.17 -1.63 2.29
CA LEU A 266 34.05 -1.40 0.85
C LEU A 266 33.45 -2.63 0.15
N ALA A 267 33.95 -3.82 0.52
CA ALA A 267 33.45 -5.07 -0.04
C ALA A 267 31.98 -5.28 0.31
N THR A 268 31.58 -4.99 1.56
CA THR A 268 30.20 -5.19 1.95
C THR A 268 29.28 -4.18 1.29
N ASN A 269 29.79 -3.01 0.91
CA ASN A 269 28.94 -2.05 0.21
C ASN A 269 28.65 -2.51 -1.21
N TYR A 270 29.68 -2.99 -1.92
CA TYR A 270 29.45 -3.48 -3.28
C TYR A 270 28.60 -4.75 -3.27
N TYR A 271 28.72 -5.55 -2.21
CA TYR A 271 27.86 -6.73 -2.09
C TYR A 271 26.42 -6.33 -1.77
N TRP A 272 26.19 -5.25 -1.02
CA TRP A 272 24.82 -4.89 -0.73
C TRP A 272 24.12 -4.18 -1.89
N ILE A 273 24.87 -3.54 -2.79
CA ILE A 273 24.20 -3.08 -4.01
C ILE A 273 23.93 -4.27 -4.94
N LEU A 274 24.77 -5.32 -4.89
CA LEU A 274 24.45 -6.55 -5.62
C LEU A 274 23.23 -7.26 -5.02
N VAL A 275 23.07 -7.20 -3.69
CA VAL A 275 21.92 -7.80 -3.02
C VAL A 275 20.63 -7.12 -3.45
N GLU A 276 20.64 -5.79 -3.52
CA GLU A 276 19.45 -5.07 -3.99
C GLU A 276 19.18 -5.33 -5.47
N GLY A 277 20.23 -5.48 -6.27
CA GLY A 277 20.08 -5.94 -7.65
C GLY A 277 19.37 -7.28 -7.74
N LEU A 278 19.76 -8.22 -6.87
CA LEU A 278 19.17 -9.56 -6.91
C LEU A 278 17.74 -9.54 -6.38
N TYR A 279 17.48 -8.75 -5.34
CA TYR A 279 16.15 -8.70 -4.74
C TYR A 279 15.13 -8.09 -5.71
N LEU A 280 15.47 -6.94 -6.31
CA LEU A 280 14.60 -6.33 -7.32
C LEU A 280 14.47 -7.23 -8.55
N HIS A 281 15.50 -7.99 -8.89
CA HIS A 281 15.43 -8.92 -10.01
C HIS A 281 14.64 -10.18 -9.64
N SER A 282 14.50 -10.46 -8.35
CA SER A 282 13.78 -11.65 -7.87
C SER A 282 12.29 -11.40 -7.68
N LEU A 283 11.92 -10.18 -7.26
CA LEU A 283 10.51 -9.80 -7.17
C LEU A 283 9.79 -9.96 -8.50
N ILE A 284 10.41 -9.45 -9.58
CA ILE A 284 9.77 -9.40 -10.88
C ILE A 284 9.64 -10.80 -11.47
N PHE A 285 10.71 -11.59 -11.42
CA PHE A 285 10.76 -12.85 -12.17
C PHE A 285 10.30 -14.05 -11.35
N MET A 286 9.96 -13.86 -10.08
CA MET A 286 9.39 -14.93 -9.25
C MET A 286 8.18 -14.38 -8.52
N ALA A 287 6.99 -14.92 -8.84
CA ALA A 287 5.75 -14.47 -8.20
C ALA A 287 5.71 -14.91 -6.73
N PHE A 288 5.96 -16.19 -6.48
CA PHE A 288 6.09 -16.70 -5.13
C PHE A 288 7.38 -16.19 -4.49
N PHE A 289 7.39 -16.08 -3.17
CA PHE A 289 8.55 -15.59 -2.46
C PHE A 289 8.48 -15.99 -0.99
N SER A 290 9.64 -16.36 -0.43
CA SER A 290 9.80 -16.65 0.99
C SER A 290 10.43 -15.44 1.66
N GLU A 291 9.64 -14.72 2.47
CA GLU A 291 10.11 -13.48 3.08
C GLU A 291 11.28 -13.72 4.05
N LYS A 292 11.17 -14.72 4.92
CA LYS A 292 12.18 -14.92 5.96
C LYS A 292 13.42 -15.63 5.42
N LYS A 293 13.24 -16.68 4.61
CA LYS A 293 14.37 -17.45 4.09
C LYS A 293 15.25 -16.58 3.20
N TYR A 294 14.63 -15.84 2.28
CA TYR A 294 15.38 -14.97 1.38
C TYR A 294 15.93 -13.76 2.12
N LEU A 295 15.21 -13.24 3.12
CA LEU A 295 15.68 -12.09 3.87
C LEU A 295 16.97 -12.43 4.61
N TRP A 296 16.96 -13.51 5.39
CA TRP A 296 18.14 -13.92 6.14
C TRP A 296 19.24 -14.44 5.21
N GLY A 297 18.87 -15.01 4.06
CA GLY A 297 19.86 -15.44 3.08
C GLY A 297 20.58 -14.26 2.47
N PHE A 298 19.84 -13.20 2.14
CA PHE A 298 20.43 -11.98 1.60
C PHE A 298 21.30 -11.28 2.65
N THR A 299 20.82 -11.24 3.91
CA THR A 299 21.61 -10.68 5.00
C THR A 299 22.96 -11.40 5.16
N VAL A 300 22.95 -12.73 5.08
CA VAL A 300 24.19 -13.51 5.20
C VAL A 300 25.09 -13.28 3.99
N PHE A 301 24.51 -13.32 2.78
CA PHE A 301 25.25 -13.06 1.54
C PHE A 301 25.85 -11.66 1.53
N GLY A 302 25.14 -10.69 2.10
CA GLY A 302 25.58 -9.31 2.17
C GLY A 302 26.74 -9.12 3.12
N TRP A 303 26.53 -9.42 4.41
CA TRP A 303 27.54 -9.10 5.42
C TRP A 303 28.61 -10.19 5.56
N GLY A 304 28.21 -11.47 5.58
CA GLY A 304 29.13 -12.54 5.93
C GLY A 304 30.16 -12.84 4.86
N LEU A 305 29.71 -12.96 3.61
CA LEU A 305 30.57 -13.43 2.51
C LEU A 305 31.79 -12.53 2.24
N PRO A 306 31.72 -11.18 2.29
CA PRO A 306 32.95 -10.39 2.20
C PRO A 306 33.96 -10.66 3.31
N ALA A 307 33.50 -11.04 4.52
CA ALA A 307 34.42 -11.29 5.62
C ALA A 307 35.27 -12.53 5.39
N VAL A 308 34.80 -13.47 4.55
CA VAL A 308 35.59 -14.62 4.17
C VAL A 308 36.76 -14.19 3.27
N PHE A 309 36.45 -13.37 2.27
CA PHE A 309 37.45 -12.81 1.35
C PHE A 309 38.50 -12.00 2.09
N VAL A 310 38.04 -11.03 2.90
CA VAL A 310 38.91 -10.21 3.74
C VAL A 310 39.78 -11.09 4.65
N ALA A 311 39.17 -12.08 5.30
CA ALA A 311 39.89 -13.01 6.18
C ALA A 311 40.99 -13.76 5.43
N VAL A 312 40.66 -14.28 4.24
CA VAL A 312 41.63 -15.01 3.41
C VAL A 312 42.78 -14.08 3.00
N TRP A 313 42.46 -12.81 2.70
CA TRP A 313 43.49 -11.85 2.32
C TRP A 313 44.41 -11.54 3.51
N VAL A 314 43.81 -11.34 4.69
CA VAL A 314 44.55 -11.10 5.91
C VAL A 314 45.49 -12.27 6.20
N SER A 315 44.98 -13.50 6.07
CA SER A 315 45.75 -14.69 6.39
C SER A 315 46.90 -14.89 5.40
N VAL A 316 46.65 -14.62 4.11
CA VAL A 316 47.68 -14.76 3.08
C VAL A 316 48.77 -13.71 3.29
N ARG A 317 48.37 -12.44 3.41
CA ARG A 317 49.28 -11.32 3.66
C ARG A 317 50.14 -11.57 4.91
N ALA A 318 49.52 -11.99 6.01
CA ALA A 318 50.24 -12.28 7.25
C ALA A 318 51.15 -13.50 7.09
N THR A 319 50.71 -14.50 6.30
CA THR A 319 51.50 -15.70 6.09
C THR A 319 52.79 -15.40 5.33
N LEU A 320 52.73 -14.53 4.32
CA LEU A 320 53.91 -14.32 3.48
C LEU A 320 54.64 -13.01 3.77
N ALA A 321 54.16 -11.88 3.24
CA ALA A 321 54.92 -10.62 3.34
C ALA A 321 55.05 -10.17 4.79
N ASN A 322 53.91 -9.96 5.46
CA ASN A 322 53.81 -9.60 6.88
C ASN A 322 54.77 -8.48 7.29
N THR A 323 54.79 -7.38 6.52
CA THR A 323 55.77 -6.35 6.80
C THR A 323 55.20 -4.96 6.51
N GLY A 324 55.63 -4.00 7.33
CA GLY A 324 55.14 -2.63 7.28
C GLY A 324 53.66 -2.58 7.62
N CYS A 325 52.97 -1.60 7.05
CA CYS A 325 51.51 -1.63 7.05
C CYS A 325 51.04 -2.56 5.94
N TRP A 326 49.73 -2.78 5.88
CA TRP A 326 49.13 -3.51 4.76
C TRP A 326 48.57 -2.52 3.75
N ASP A 327 49.29 -1.41 3.60
CA ASP A 327 49.00 -0.32 2.67
C ASP A 327 49.69 -0.56 1.32
N LEU A 328 51.00 -0.85 1.35
CA LEU A 328 51.75 -1.16 0.14
C LEU A 328 51.24 -2.45 -0.50
N SER A 329 51.15 -2.44 -1.83
CA SER A 329 50.79 -3.64 -2.58
C SER A 329 51.95 -4.63 -2.58
N SER A 330 51.61 -5.91 -2.62
CA SER A 330 52.60 -6.99 -2.59
C SER A 330 52.88 -7.54 -3.98
N GLY A 331 51.82 -7.84 -4.73
CA GLY A 331 51.92 -8.43 -6.04
C GLY A 331 50.55 -8.90 -6.48
N ASN A 332 50.45 -10.18 -6.88
CA ASN A 332 49.20 -10.79 -7.27
C ASN A 332 48.18 -10.87 -6.12
N LYS A 333 48.66 -10.81 -4.87
CA LYS A 333 47.83 -10.99 -3.67
C LYS A 333 46.70 -9.97 -3.59
N LYS A 334 46.91 -8.77 -4.13
CA LYS A 334 45.90 -7.72 -4.14
C LYS A 334 44.63 -8.15 -4.88
N TRP A 335 44.72 -9.14 -5.77
CA TRP A 335 43.55 -9.58 -6.52
C TRP A 335 42.59 -10.40 -5.66
N ILE A 336 43.06 -10.90 -4.49
CA ILE A 336 42.27 -11.75 -3.59
C ILE A 336 40.97 -11.07 -3.19
N ILE A 337 40.95 -9.74 -3.10
CA ILE A 337 39.73 -8.98 -2.84
C ILE A 337 39.29 -8.17 -4.06
N GLN A 338 40.16 -7.97 -5.05
CA GLN A 338 39.76 -7.24 -6.25
C GLN A 338 38.81 -8.07 -7.11
N VAL A 339 39.18 -9.32 -7.38
CA VAL A 339 38.47 -10.17 -8.34
C VAL A 339 37.09 -10.58 -7.82
N PRO A 340 36.87 -10.93 -6.54
CA PRO A 340 35.48 -11.12 -6.08
C PRO A 340 34.65 -9.86 -5.94
N ILE A 341 35.22 -8.67 -6.14
CA ILE A 341 34.44 -7.43 -6.15
C ILE A 341 34.11 -6.99 -7.58
N LEU A 342 35.08 -7.13 -8.50
CA LEU A 342 34.87 -6.85 -9.91
C LEU A 342 33.75 -7.73 -10.49
N ALA A 343 33.68 -8.98 -10.04
CA ALA A 343 32.64 -9.90 -10.48
C ALA A 343 31.37 -9.76 -9.63
N SER A 344 31.19 -8.61 -8.98
CA SER A 344 29.93 -8.18 -8.41
C SER A 344 29.49 -6.88 -9.09
N ILE A 345 30.24 -6.47 -10.11
CA ILE A 345 29.93 -5.26 -10.88
C ILE A 345 29.48 -5.63 -12.30
N VAL A 346 30.04 -6.70 -12.88
CA VAL A 346 29.57 -7.19 -14.16
C VAL A 346 28.17 -7.78 -14.01
N LEU A 347 27.98 -8.66 -13.01
CA LEU A 347 26.70 -9.30 -12.73
C LEU A 347 25.61 -8.26 -12.49
N ASN A 348 25.91 -7.26 -11.65
CA ASN A 348 24.95 -6.21 -11.31
C ASN A 348 24.61 -5.37 -12.54
N PHE A 349 25.52 -5.29 -13.51
CA PHE A 349 25.23 -4.55 -14.72
C PHE A 349 24.29 -5.35 -15.63
N ILE A 350 24.50 -6.67 -15.69
CA ILE A 350 23.65 -7.56 -16.48
C ILE A 350 22.20 -7.51 -15.96
N LEU A 351 22.04 -7.56 -14.64
CA LEU A 351 20.72 -7.45 -14.02
C LEU A 351 20.06 -6.13 -14.37
N PHE A 352 20.87 -5.06 -14.47
CA PHE A 352 20.37 -3.74 -14.82
C PHE A 352 19.73 -3.77 -16.21
N ILE A 353 20.47 -4.29 -17.20
CA ILE A 353 19.95 -4.27 -18.57
C ILE A 353 18.78 -5.23 -18.69
N ASN A 354 18.77 -6.28 -17.86
CA ASN A 354 17.65 -7.21 -17.86
C ASN A 354 16.39 -6.53 -17.33
N ILE A 355 16.52 -5.83 -16.19
CA ILE A 355 15.38 -5.19 -15.53
C ILE A 355 14.82 -4.06 -16.40
N VAL A 356 15.71 -3.26 -16.99
CA VAL A 356 15.30 -2.14 -17.82
C VAL A 356 14.52 -2.67 -19.03
N ARG A 357 14.98 -3.80 -19.58
CA ARG A 357 14.34 -4.40 -20.75
C ARG A 357 12.88 -4.73 -20.49
N VAL A 358 12.56 -5.28 -19.30
CA VAL A 358 11.18 -5.66 -19.02
C VAL A 358 10.31 -4.42 -18.84
N LEU A 359 10.91 -3.30 -18.38
CA LEU A 359 10.14 -2.07 -18.22
C LEU A 359 9.71 -1.53 -19.56
N ALA A 360 10.53 -1.74 -20.60
CA ALA A 360 10.15 -1.35 -21.96
C ALA A 360 8.91 -2.14 -22.39
N THR A 361 8.91 -3.44 -22.07
CA THR A 361 7.77 -4.31 -22.33
C THR A 361 6.54 -3.79 -21.59
N LYS A 362 6.72 -3.51 -20.28
CA LYS A 362 5.62 -3.03 -19.45
C LYS A 362 5.05 -1.71 -19.97
N LEU A 363 5.89 -0.88 -20.57
CA LEU A 363 5.40 0.34 -21.19
C LEU A 363 4.66 0.01 -22.50
N ARG A 364 5.29 -0.82 -23.35
CA ARG A 364 4.71 -1.17 -24.65
C ARG A 364 3.35 -1.84 -24.48
N GLU A 365 3.21 -2.71 -23.49
CA GLU A 365 1.98 -3.45 -23.28
C GLU A 365 0.85 -2.60 -22.70
N THR A 366 1.09 -1.34 -22.30
CA THR A 366 -0.03 -0.52 -21.80
C THR A 366 -0.49 0.52 -22.83
N ASN A 367 0.08 0.51 -24.03
CA ASN A 367 -0.29 1.35 -25.17
C ASN A 367 -0.11 2.83 -24.84
N THR A 373 5.02 6.32 -27.91
CA THR A 373 4.83 7.77 -27.92
C THR A 373 5.91 8.46 -27.10
N ARG A 374 5.84 9.79 -27.04
CA ARG A 374 6.80 10.60 -26.30
C ARG A 374 6.68 10.35 -24.80
N GLN A 375 5.45 10.14 -24.33
CA GLN A 375 5.18 9.89 -22.90
C GLN A 375 5.88 8.62 -22.44
N GLN A 376 5.84 7.58 -23.27
CA GLN A 376 6.50 6.31 -22.98
C GLN A 376 8.02 6.48 -22.89
N TYR A 377 8.60 7.22 -23.84
CA TYR A 377 10.03 7.52 -23.83
C TYR A 377 10.43 8.30 -22.59
N ARG A 378 9.63 9.28 -22.20
CA ARG A 378 9.91 10.09 -21.02
C ARG A 378 9.86 9.24 -19.76
N LYS A 379 8.87 8.34 -19.67
CA LYS A 379 8.73 7.48 -18.49
C LYS A 379 9.89 6.50 -18.40
N LEU A 380 10.33 5.96 -19.55
CA LEU A 380 11.44 5.01 -19.57
C LEU A 380 12.75 5.70 -19.19
N LEU A 381 12.97 6.90 -19.74
CA LEU A 381 14.11 7.74 -19.39
C LEU A 381 14.17 7.98 -17.87
N LYS A 382 13.03 8.42 -17.30
CA LYS A 382 12.96 8.72 -15.87
C LYS A 382 13.22 7.47 -15.02
N SER A 383 12.63 6.33 -15.40
CA SER A 383 12.83 5.09 -14.65
C SER A 383 14.29 4.62 -14.71
N THR A 384 14.94 4.83 -15.86
CA THR A 384 16.37 4.49 -15.99
C THR A 384 17.21 5.39 -15.08
N LEU A 385 16.96 6.70 -15.12
CA LEU A 385 17.75 7.64 -14.33
C LEU A 385 17.51 7.47 -12.83
N VAL A 386 16.35 6.94 -12.45
CA VAL A 386 16.03 6.66 -11.05
C VAL A 386 16.36 5.20 -10.76
N LEU A 387 17.10 4.55 -11.67
CA LEU A 387 17.57 3.19 -11.45
C LEU A 387 19.09 3.05 -11.65
N MET A 388 19.77 4.13 -12.07
CA MET A 388 21.22 4.11 -12.31
C MET A 388 22.07 4.38 -11.06
N PRO A 389 21.67 5.23 -10.09
CA PRO A 389 22.42 5.26 -8.82
C PRO A 389 22.30 4.00 -7.98
N LEU A 390 21.18 3.28 -8.06
CA LEU A 390 20.96 2.10 -7.23
C LEU A 390 21.91 0.97 -7.59
N PHE A 391 21.94 0.58 -8.86
CA PHE A 391 22.72 -0.58 -9.29
C PHE A 391 24.19 -0.25 -9.58
N GLY A 392 24.61 1.00 -9.33
CA GLY A 392 25.96 1.45 -9.63
C GLY A 392 26.39 1.17 -11.06
N VAL A 393 25.71 1.83 -11.99
CA VAL A 393 25.96 1.63 -13.42
C VAL A 393 27.31 2.24 -13.80
N HIS A 394 27.63 3.40 -13.21
CA HIS A 394 28.80 4.21 -13.59
C HIS A 394 30.11 3.43 -13.47
N TYR A 395 30.22 2.56 -12.47
CA TYR A 395 31.38 1.69 -12.23
C TYR A 395 31.88 1.01 -13.50
N ILE A 396 30.94 0.56 -14.36
CA ILE A 396 31.28 -0.20 -15.56
C ILE A 396 32.07 0.65 -16.56
N VAL A 397 32.06 1.97 -16.42
CA VAL A 397 32.81 2.86 -17.30
C VAL A 397 34.31 2.61 -17.12
N PHE A 398 34.77 2.47 -15.88
CA PHE A 398 36.18 2.23 -15.60
C PHE A 398 36.36 1.07 -14.63
N MET A 399 35.59 0.01 -14.81
CA MET A 399 35.66 -1.14 -13.93
C MET A 399 36.95 -1.94 -14.15
N ALA A 400 37.26 -2.26 -15.40
CA ALA A 400 38.42 -3.07 -15.74
C ALA A 400 39.46 -2.21 -16.44
N THR A 401 40.48 -1.78 -15.70
CA THR A 401 41.63 -1.09 -16.22
C THR A 401 42.82 -1.59 -15.41
N PRO A 402 43.93 -1.97 -16.05
CA PRO A 402 45.14 -2.30 -15.32
C PRO A 402 45.71 -1.05 -14.66
N TYR A 403 46.48 -1.26 -13.59
CA TYR A 403 47.10 -0.17 -12.85
C TYR A 403 48.01 0.64 -13.77
N THR A 404 47.76 1.96 -13.83
CA THR A 404 48.47 2.86 -14.72
C THR A 404 49.50 3.68 -13.94
N GLU A 405 50.16 4.57 -14.66
CA GLU A 405 51.16 5.46 -14.09
C GLU A 405 50.50 6.45 -13.15
N VAL A 406 51.22 6.80 -12.08
CA VAL A 406 50.74 7.67 -11.00
C VAL A 406 50.22 9.00 -11.55
N SER A 407 50.91 9.54 -12.56
CA SER A 407 50.46 10.74 -13.25
C SER A 407 50.25 10.42 -14.73
N GLY A 408 49.14 10.91 -15.27
CA GLY A 408 48.81 10.68 -16.67
C GLY A 408 47.36 11.01 -16.94
N THR A 409 47.04 11.04 -18.24
CA THR A 409 45.71 11.34 -18.75
C THR A 409 44.65 10.40 -18.18
N LEU A 410 44.79 9.10 -18.52
CA LEU A 410 43.80 8.08 -18.15
C LEU A 410 43.61 8.01 -16.64
N TRP A 411 44.72 8.02 -15.89
CA TRP A 411 44.67 7.85 -14.45
C TRP A 411 43.90 8.99 -13.78
N GLN A 412 44.17 10.24 -14.20
CA GLN A 412 43.53 11.39 -13.55
C GLN A 412 42.07 11.51 -13.97
N VAL A 413 41.76 11.21 -15.25
CA VAL A 413 40.37 11.17 -15.71
C VAL A 413 39.57 10.15 -14.90
N GLN A 414 40.10 8.92 -14.83
CA GLN A 414 39.49 7.81 -14.10
C GLN A 414 39.27 8.19 -12.64
N MET A 415 40.33 8.66 -11.97
CA MET A 415 40.29 8.83 -10.53
C MET A 415 39.38 9.99 -10.13
N HIS A 416 39.34 11.07 -10.92
CA HIS A 416 38.44 12.19 -10.63
C HIS A 416 36.98 11.78 -10.83
N TYR A 417 36.70 11.12 -11.97
CA TYR A 417 35.37 10.59 -12.28
C TYR A 417 34.87 9.66 -11.17
N GLU A 418 35.71 8.71 -10.77
CA GLU A 418 35.35 7.69 -9.81
C GLU A 418 35.14 8.30 -8.41
N MET A 419 36.02 9.21 -7.99
CA MET A 419 35.89 9.79 -6.65
C MET A 419 34.64 10.66 -6.55
N LEU A 420 34.30 11.39 -7.62
CA LEU A 420 33.09 12.21 -7.61
C LEU A 420 31.83 11.35 -7.51
N PHE A 421 31.71 10.35 -8.39
CA PHE A 421 30.47 9.58 -8.43
C PHE A 421 30.37 8.59 -7.28
N ASN A 422 31.49 7.97 -6.88
CA ASN A 422 31.50 7.08 -5.72
C ASN A 422 31.19 7.84 -4.43
N SER A 423 31.57 9.11 -4.36
CA SER A 423 31.32 9.88 -3.16
C SER A 423 29.86 10.33 -3.10
N PHE A 424 29.34 10.91 -4.18
CA PHE A 424 27.97 11.42 -4.19
C PHE A 424 26.91 10.33 -4.36
N GLN A 425 27.31 9.07 -4.63
CA GLN A 425 26.35 7.97 -4.77
C GLN A 425 25.47 7.83 -3.53
N GLY A 426 26.06 7.91 -2.35
CA GLY A 426 25.34 7.92 -1.08
C GLY A 426 24.21 8.93 -0.99
N PHE A 427 24.56 10.21 -1.21
CA PHE A 427 23.59 11.30 -1.23
C PHE A 427 22.52 11.09 -2.30
N PHE A 428 22.88 10.50 -3.44
CA PHE A 428 21.91 10.31 -4.52
C PHE A 428 20.90 9.22 -4.15
N VAL A 429 21.37 8.13 -3.56
CA VAL A 429 20.48 7.04 -3.13
C VAL A 429 19.74 7.42 -1.85
N ALA A 430 20.18 8.48 -1.18
CA ALA A 430 19.39 9.07 -0.09
C ALA A 430 18.21 9.85 -0.64
N ILE A 431 18.49 10.83 -1.50
CA ILE A 431 17.46 11.73 -2.02
C ILE A 431 16.46 10.98 -2.90
N ILE A 432 16.94 10.11 -3.79
CA ILE A 432 16.07 9.49 -4.79
C ILE A 432 15.10 8.48 -4.15
N TYR A 433 15.54 7.77 -3.10
CA TYR A 433 14.76 6.65 -2.57
C TYR A 433 14.08 6.91 -1.23
N CYS A 434 14.67 7.70 -0.34
CA CYS A 434 14.06 7.89 0.97
C CYS A 434 13.29 9.20 1.06
N PHE A 435 13.91 10.32 0.70
CA PHE A 435 13.26 11.62 0.79
C PHE A 435 12.16 11.79 -0.25
N CYS A 436 12.40 11.34 -1.49
CA CYS A 436 11.47 11.57 -2.59
C CYS A 436 10.44 10.45 -2.71
N ASN A 437 10.51 9.43 -1.85
CA ASN A 437 9.54 8.33 -1.86
C ASN A 437 8.15 8.86 -1.48
N GLY A 438 7.14 8.39 -2.22
CA GLY A 438 5.76 8.83 -1.99
C GLY A 438 5.23 8.42 -0.62
N GLU A 439 5.52 7.18 -0.21
CA GLU A 439 5.05 6.66 1.08
C GLU A 439 5.66 7.42 2.25
N VAL A 440 6.98 7.69 2.16
CA VAL A 440 7.69 8.44 3.21
C VAL A 440 7.10 9.83 3.35
N GLN A 441 6.91 10.53 2.22
CA GLN A 441 6.31 11.86 2.22
C GLN A 441 4.90 11.85 2.81
N ALA A 442 4.09 10.85 2.42
CA ALA A 442 2.74 10.68 2.97
C ALA A 442 2.76 10.54 4.49
N GLU A 443 3.62 9.63 5.00
CA GLU A 443 3.77 9.41 6.43
C GLU A 443 4.18 10.68 7.17
N ILE A 444 5.20 11.39 6.66
CA ILE A 444 5.67 12.64 7.25
C ILE A 444 4.56 13.69 7.29
N LYS A 445 3.83 13.84 6.18
CA LYS A 445 2.72 14.79 6.12
C LYS A 445 1.63 14.46 7.14
N LYS A 446 1.25 13.17 7.23
CA LYS A 446 0.22 12.75 8.19
C LYS A 446 0.68 13.00 9.63
N SER A 447 1.94 12.69 9.95
CA SER A 447 2.47 12.93 11.29
C SER A 447 2.49 14.41 11.62
N TRP A 448 2.86 15.25 10.64
CA TRP A 448 2.86 16.69 10.81
C TRP A 448 1.44 17.21 11.03
N SER A 449 0.47 16.67 10.27
CA SER A 449 -0.93 17.06 10.42
C SER A 449 -1.46 16.72 11.81
N ARG A 450 -1.09 15.53 12.32
CA ARG A 450 -1.49 15.12 13.67
C ARG A 450 -0.85 16.03 14.72
N TRP A 451 0.41 16.42 14.50
CA TRP A 451 1.12 17.31 15.41
C TRP A 451 0.45 18.70 15.46
N THR A 452 0.09 19.24 14.28
CA THR A 452 -0.59 20.54 14.20
C THR A 452 -1.97 20.49 14.87
N LEU A 453 -2.76 19.45 14.57
CA LEU A 453 -4.09 19.32 15.16
C LEU A 453 -4.01 19.14 16.67
N ALA A 454 -3.03 18.36 17.14
CA ALA A 454 -2.82 18.18 18.59
C ALA A 454 -2.44 19.51 19.25
N LEU A 455 -1.58 20.29 18.59
CA LEU A 455 -1.14 21.60 19.08
C LEU A 455 -2.32 22.58 19.05
N ALA B 1 40.06 -1.79 -12.05
CA ALA B 1 40.13 -2.20 -10.64
C ALA B 1 39.28 -1.26 -9.78
N VAL B 2 39.23 -1.57 -8.48
CA VAL B 2 38.50 -0.73 -7.52
C VAL B 2 39.29 0.56 -7.32
N ALA B 3 38.62 1.70 -7.53
CA ALA B 3 39.27 3.00 -7.56
C ALA B 3 39.85 3.39 -6.19
N GLU B 4 39.11 3.14 -5.11
CA GLU B 4 39.58 3.54 -3.77
C GLU B 4 40.79 2.70 -3.34
N ILE B 5 40.78 1.40 -3.66
CA ILE B 5 41.91 0.54 -3.34
C ILE B 5 43.10 0.90 -4.22
N GLN B 6 42.85 1.13 -5.51
CA GLN B 6 43.89 1.58 -6.44
C GLN B 6 44.53 2.88 -5.95
N LEU B 7 43.71 3.85 -5.53
CA LEU B 7 44.23 5.13 -5.04
C LEU B 7 45.08 4.93 -3.79
N MET B 8 44.62 4.07 -2.88
CA MET B 8 45.36 3.77 -1.66
C MET B 8 46.75 3.18 -1.98
N HIS B 9 46.80 2.21 -2.90
CA HIS B 9 48.08 1.60 -3.27
C HIS B 9 49.00 2.59 -3.99
N GLN B 10 48.44 3.41 -4.89
CA GLN B 10 49.24 4.41 -5.61
C GLN B 10 49.80 5.46 -4.65
N ARG B 11 48.98 5.90 -3.69
CA ARG B 11 49.40 6.89 -2.71
C ARG B 11 50.50 6.34 -1.80
N ALA B 12 50.35 5.08 -1.36
CA ALA B 12 51.36 4.45 -0.50
C ALA B 12 52.68 4.30 -1.25
N LYS B 13 52.62 3.85 -2.51
CA LYS B 13 53.80 3.70 -3.33
C LYS B 13 54.47 5.06 -3.56
N TRP B 14 53.66 6.10 -3.78
CA TRP B 14 54.18 7.45 -3.98
C TRP B 14 54.93 7.95 -2.75
N ILE B 15 54.34 7.78 -1.56
CA ILE B 15 54.97 8.23 -0.30
C ILE B 15 56.27 7.49 -0.07
N GLN B 16 56.28 6.16 -0.28
CA GLN B 16 57.49 5.36 -0.08
C GLN B 16 58.55 5.70 -1.13
N ASP B 17 58.13 6.10 -2.34
CA ASP B 17 59.05 6.46 -3.40
C ASP B 17 59.51 7.91 -3.29
N ALA B 18 58.82 8.72 -2.47
CA ALA B 18 59.24 10.10 -2.24
C ALA B 18 60.10 10.24 -0.99
N ARG B 19 60.07 9.25 -0.10
CA ARG B 19 60.92 9.32 1.10
C ARG B 19 62.37 9.00 0.72
N ARG B 20 62.55 8.00 -0.13
CA ARG B 20 63.88 7.63 -0.61
C ARG B 20 64.49 8.77 -1.43
N ARG B 21 63.66 9.41 -2.25
CA ARG B 21 64.09 10.52 -3.09
C ARG B 21 64.46 11.73 -2.23
N ALA B 22 63.70 11.99 -1.16
CA ALA B 22 64.00 13.12 -0.28
C ALA B 22 65.25 12.84 0.55
N PHE B 23 65.48 11.58 0.92
CA PHE B 23 66.68 11.20 1.65
C PHE B 23 67.93 11.30 0.76
N LEU B 24 67.77 10.96 -0.51
CA LEU B 24 68.89 10.95 -1.47
C LEU B 24 69.16 12.37 -2.00
N HIS B 25 68.15 13.24 -1.97
CA HIS B 25 68.31 14.65 -2.34
C HIS B 25 69.35 15.33 -1.47
N LYS B 26 69.29 15.10 -0.15
CA LYS B 26 70.24 15.69 0.79
C LYS B 26 71.67 15.23 0.49
N LEU B 27 71.82 13.95 0.13
CA LEU B 27 73.12 13.39 -0.21
C LEU B 27 73.68 14.06 -1.47
N ILE B 28 72.81 14.30 -2.47
CA ILE B 28 73.22 15.01 -3.68
C ILE B 28 73.61 16.45 -3.33
N ALA B 29 72.85 17.07 -2.42
CA ALA B 29 73.09 18.46 -2.02
C ALA B 29 74.46 18.60 -1.35
N GLU B 30 74.77 17.70 -0.40
CA GLU B 30 75.98 17.85 0.40
C GLU B 30 77.23 17.41 -0.36
N ILE B 31 77.16 16.26 -1.06
CA ILE B 31 78.33 15.76 -1.81
C ILE B 31 78.62 16.68 -3.01
N HIS B 32 77.58 17.07 -3.75
CA HIS B 32 77.74 17.95 -4.90
C HIS B 32 77.43 19.40 -4.50
N ASP C 11 0.46 -18.72 41.86
CA ASP C 11 -0.92 -18.62 41.33
C ASP C 11 -1.07 -17.43 40.38
N GLN C 12 -0.61 -16.24 40.81
CA GLN C 12 -0.58 -15.08 39.92
C GLN C 12 0.49 -15.23 38.84
N ARG C 13 1.51 -16.06 39.10
CA ARG C 13 2.59 -16.29 38.15
C ARG C 13 2.26 -17.44 37.20
N ASN C 14 1.48 -18.42 37.69
CA ASN C 14 1.10 -19.58 36.89
C ASN C 14 0.15 -19.16 35.78
N GLU C 15 -0.82 -18.30 36.10
CA GLU C 15 -1.74 -17.78 35.08
C GLU C 15 -0.99 -16.94 34.05
N GLU C 16 0.00 -16.16 34.49
CA GLU C 16 0.79 -15.30 33.60
C GLU C 16 1.90 -16.07 32.89
N LYS C 17 2.01 -17.38 33.14
CA LYS C 17 2.87 -18.27 32.40
C LYS C 17 2.04 -19.09 31.40
N ALA C 18 0.89 -19.58 31.86
CA ALA C 18 -0.04 -20.34 31.02
C ALA C 18 -0.55 -19.49 29.86
N GLN C 19 -0.90 -18.23 30.12
CA GLN C 19 -1.39 -17.38 29.04
C GLN C 19 -0.25 -16.93 28.12
N ARG C 20 0.98 -16.88 28.64
CA ARG C 20 2.14 -16.60 27.80
C ARG C 20 2.38 -17.76 26.84
N GLU C 21 2.20 -18.99 27.32
CA GLU C 21 2.40 -20.17 26.47
C GLU C 21 1.27 -20.28 25.44
N ALA C 22 0.03 -19.96 25.85
CA ALA C 22 -1.10 -19.90 24.93
C ALA C 22 -0.85 -18.85 23.83
N ASN C 23 -0.29 -17.70 24.22
CA ASN C 23 0.07 -16.65 23.27
C ASN C 23 1.12 -17.16 22.28
N LYS C 24 2.14 -17.87 22.77
CA LYS C 24 3.22 -18.35 21.90
C LYS C 24 2.71 -19.39 20.92
N LYS C 25 1.80 -20.27 21.36
CA LYS C 25 1.23 -21.29 20.48
C LYS C 25 0.37 -20.66 19.39
N ILE C 26 -0.44 -19.66 19.76
CA ILE C 26 -1.27 -18.94 18.79
C ILE C 26 -0.39 -18.17 17.81
N GLU C 27 0.70 -17.57 18.29
CA GLU C 27 1.64 -16.86 17.42
C GLU C 27 2.29 -17.81 16.40
N LYS C 28 2.70 -19.01 16.85
CA LYS C 28 3.28 -19.99 15.93
C LYS C 28 2.26 -20.43 14.87
N GLN C 29 1.00 -20.62 15.29
CA GLN C 29 -0.04 -21.03 14.34
C GLN C 29 -0.31 -19.92 13.31
N LEU C 30 -0.33 -18.66 13.76
CA LEU C 30 -0.52 -17.55 12.82
C LEU C 30 0.72 -17.30 11.96
N GLN C 31 1.89 -17.76 12.40
CA GLN C 31 3.11 -17.63 11.58
C GLN C 31 3.27 -18.81 10.63
N LYS C 32 2.42 -19.83 10.76
CA LYS C 32 2.37 -20.90 9.78
C LYS C 32 1.21 -20.70 8.81
N ASP C 33 0.21 -19.91 9.21
CA ASP C 33 -0.92 -19.58 8.35
C ASP C 33 -0.68 -18.33 7.50
N LYS C 34 0.12 -17.38 8.01
CA LYS C 34 0.46 -16.17 7.26
C LYS C 34 1.16 -16.50 5.94
N GLN C 35 2.03 -17.51 5.94
CA GLN C 35 2.75 -17.91 4.73
C GLN C 35 1.80 -18.46 3.68
N VAL C 36 0.78 -19.21 4.11
CA VAL C 36 -0.22 -19.75 3.21
C VAL C 36 -1.07 -18.63 2.64
N TYR C 37 -1.56 -17.74 3.52
CA TYR C 37 -2.38 -16.60 3.10
C TYR C 37 -1.64 -15.70 2.11
N ARG C 38 -0.33 -15.55 2.28
CA ARG C 38 0.47 -14.69 1.41
C ARG C 38 0.86 -15.39 0.11
N ALA C 39 0.86 -16.72 0.08
CA ALA C 39 1.25 -17.45 -1.12
C ALA C 39 0.09 -17.57 -2.10
N THR C 40 -1.10 -17.94 -1.61
CA THR C 40 -2.26 -18.19 -2.46
C THR C 40 -2.83 -16.87 -2.99
N HIS C 41 -3.14 -16.84 -4.29
CA HIS C 41 -3.79 -15.70 -4.94
C HIS C 41 -5.29 -15.91 -4.99
N ARG C 42 -6.03 -14.79 -5.06
CA ARG C 42 -7.49 -14.80 -5.01
C ARG C 42 -8.09 -14.11 -6.23
N LEU C 43 -9.09 -14.77 -6.80
CA LEU C 43 -9.80 -14.33 -7.99
C LEU C 43 -11.29 -14.29 -7.66
N LEU C 44 -11.98 -13.25 -8.16
CA LEU C 44 -13.43 -13.17 -8.06
C LEU C 44 -14.01 -13.40 -9.45
N LEU C 45 -14.76 -14.50 -9.62
CA LEU C 45 -15.36 -14.79 -10.92
C LEU C 45 -16.72 -14.12 -10.99
N LEU C 46 -16.73 -12.86 -11.41
CA LEU C 46 -17.95 -12.07 -11.53
C LEU C 46 -18.41 -12.06 -12.99
N GLY C 47 -19.65 -12.47 -13.21
CA GLY C 47 -20.21 -12.49 -14.55
C GLY C 47 -21.73 -12.45 -14.50
N ALA C 48 -22.32 -12.07 -15.63
CA ALA C 48 -23.77 -12.02 -15.76
C ALA C 48 -24.33 -13.44 -15.80
N GLY C 49 -25.65 -13.55 -15.59
CA GLY C 49 -26.31 -14.84 -15.58
C GLY C 49 -26.45 -15.42 -16.97
N GLU C 50 -26.81 -14.57 -17.93
CA GLU C 50 -26.85 -14.94 -19.35
C GLU C 50 -25.53 -15.53 -19.83
N SER C 51 -24.42 -14.92 -19.40
CA SER C 51 -23.10 -15.39 -19.78
C SER C 51 -22.79 -16.73 -19.11
N GLY C 52 -22.02 -17.56 -19.81
CA GLY C 52 -21.71 -18.89 -19.31
C GLY C 52 -20.52 -18.96 -18.36
N LYS C 53 -20.75 -18.62 -17.09
CA LYS C 53 -19.70 -18.78 -16.08
C LYS C 53 -19.76 -20.17 -15.46
N SER C 54 -20.79 -20.95 -15.81
CA SER C 54 -20.96 -22.31 -15.31
C SER C 54 -20.00 -23.26 -16.03
N THR C 55 -19.88 -23.09 -17.35
CA THR C 55 -18.91 -23.84 -18.13
C THR C 55 -17.50 -23.50 -17.66
N ILE C 56 -17.27 -22.23 -17.31
CA ILE C 56 -15.97 -21.76 -16.83
C ILE C 56 -15.64 -22.38 -15.47
N VAL C 57 -16.60 -22.42 -14.53
CA VAL C 57 -16.30 -23.02 -13.22
C VAL C 57 -16.07 -24.53 -13.36
N LYS C 58 -16.81 -25.19 -14.26
CA LYS C 58 -16.60 -26.62 -14.51
C LYS C 58 -15.20 -26.89 -15.07
N GLN C 59 -14.89 -26.26 -16.21
CA GLN C 59 -13.59 -26.45 -16.87
C GLN C 59 -12.44 -25.87 -16.03
N MET C 60 -12.45 -24.56 -15.81
CA MET C 60 -11.41 -23.90 -15.03
C MET C 60 -11.63 -24.13 -13.53
N THR C 189 -25.91 -22.95 -0.28
CA THR C 189 -25.14 -21.95 0.44
C THR C 189 -25.12 -20.63 -0.34
N GLY C 190 -24.23 -19.72 0.04
CA GLY C 190 -24.22 -18.37 -0.52
C GLY C 190 -23.09 -18.11 -1.48
N ILE C 191 -21.88 -18.53 -1.13
CA ILE C 191 -20.70 -18.32 -1.96
C ILE C 191 -20.11 -19.70 -2.30
N PHE C 192 -19.58 -19.81 -3.52
CA PHE C 192 -18.96 -21.04 -4.01
C PHE C 192 -17.47 -20.80 -4.17
N GLU C 193 -16.69 -21.88 -4.05
CA GLU C 193 -15.24 -21.74 -4.09
C GLU C 193 -14.64 -22.86 -4.92
N THR C 194 -13.66 -22.48 -5.75
CA THR C 194 -12.84 -23.41 -6.50
C THR C 194 -11.40 -23.20 -6.05
N LYS C 195 -10.72 -24.30 -5.72
CA LYS C 195 -9.33 -24.27 -5.30
C LYS C 195 -8.52 -25.13 -6.26
N PHE C 196 -7.50 -24.53 -6.89
CA PHE C 196 -6.63 -25.27 -7.78
C PHE C 196 -5.24 -24.66 -7.72
N GLN C 197 -4.34 -25.21 -8.53
CA GLN C 197 -2.98 -24.69 -8.60
C GLN C 197 -2.42 -24.93 -10.00
N VAL C 198 -1.60 -23.97 -10.44
CA VAL C 198 -0.90 -24.02 -11.71
C VAL C 198 0.55 -23.61 -11.47
N ASP C 199 1.48 -24.45 -11.94
CA ASP C 199 2.93 -24.21 -11.86
C ASP C 199 3.37 -23.93 -10.42
N LYS C 200 2.85 -24.75 -9.50
CA LYS C 200 3.10 -24.66 -8.06
C LYS C 200 2.69 -23.28 -7.51
N VAL C 201 1.57 -22.75 -8.02
CA VAL C 201 1.00 -21.50 -7.54
C VAL C 201 -0.48 -21.76 -7.24
N ASN C 202 -0.91 -21.39 -6.04
CA ASN C 202 -2.27 -21.70 -5.58
C ASN C 202 -3.23 -20.57 -5.95
N PHE C 203 -4.41 -20.97 -6.42
CA PHE C 203 -5.47 -20.05 -6.83
C PHE C 203 -6.78 -20.44 -6.17
N HIS C 204 -7.35 -19.52 -5.40
CA HIS C 204 -8.74 -19.60 -4.96
C HIS C 204 -9.57 -18.70 -5.87
N MET C 205 -10.63 -19.25 -6.45
CA MET C 205 -11.54 -18.51 -7.30
C MET C 205 -12.93 -18.59 -6.70
N PHE C 206 -13.57 -17.44 -6.52
CA PHE C 206 -14.81 -17.35 -5.75
C PHE C 206 -15.96 -16.98 -6.68
N ASP C 207 -16.94 -17.88 -6.75
CA ASP C 207 -18.15 -17.69 -7.54
C ASP C 207 -19.25 -17.20 -6.60
N VAL C 208 -19.77 -16.01 -6.87
CA VAL C 208 -20.88 -15.47 -6.08
C VAL C 208 -22.15 -16.24 -6.45
N GLY C 209 -22.70 -16.97 -5.48
CA GLY C 209 -23.81 -17.86 -5.73
C GLY C 209 -25.18 -17.26 -5.47
N GLY C 210 -25.88 -17.79 -4.47
CA GLY C 210 -27.24 -17.38 -4.18
C GLY C 210 -27.34 -16.11 -3.36
N GLN C 211 -27.06 -14.98 -4.01
CA GLN C 211 -27.15 -13.66 -3.39
C GLN C 211 -28.33 -12.88 -3.96
N ARG C 212 -28.46 -11.64 -3.49
CA ARG C 212 -29.42 -10.68 -4.00
C ARG C 212 -28.77 -9.83 -5.10
N ASP C 213 -29.61 -9.29 -5.99
CA ASP C 213 -29.17 -8.52 -7.16
C ASP C 213 -28.53 -7.17 -6.81
N GLU C 214 -28.55 -6.74 -5.54
CA GLU C 214 -27.98 -5.46 -5.14
C GLU C 214 -26.54 -5.70 -4.66
N ARG C 215 -25.58 -5.27 -5.48
CA ARG C 215 -24.17 -5.60 -5.28
C ARG C 215 -23.43 -4.58 -4.42
N ARG C 216 -24.03 -3.40 -4.17
CA ARG C 216 -23.30 -2.26 -3.61
C ARG C 216 -22.78 -2.49 -2.19
N LYS C 217 -23.25 -3.54 -1.49
CA LYS C 217 -22.81 -3.80 -0.12
C LYS C 217 -21.80 -4.93 -0.02
N TRP C 218 -22.12 -6.12 -0.57
CA TRP C 218 -21.24 -7.27 -0.37
C TRP C 218 -19.96 -7.18 -1.20
N ILE C 219 -19.95 -6.37 -2.26
CA ILE C 219 -18.76 -6.24 -3.12
C ILE C 219 -17.62 -5.53 -2.36
N GLN C 220 -17.95 -4.83 -1.28
CA GLN C 220 -16.96 -4.13 -0.45
C GLN C 220 -16.18 -5.12 0.41
N CYS C 221 -16.56 -6.40 0.40
CA CYS C 221 -15.78 -7.43 1.07
C CYS C 221 -14.64 -7.91 0.18
N PHE C 222 -14.60 -7.45 -1.08
CA PHE C 222 -13.69 -7.97 -2.09
C PHE C 222 -12.59 -7.00 -2.48
N ASN C 223 -12.32 -5.97 -1.66
CA ASN C 223 -11.22 -5.05 -2.00
C ASN C 223 -9.81 -5.65 -1.73
N ASP C 224 -9.64 -6.94 -1.45
CA ASP C 224 -8.32 -7.51 -1.16
C ASP C 224 -7.97 -8.68 -2.07
N VAL C 225 -8.88 -9.11 -2.95
CA VAL C 225 -8.58 -10.14 -3.93
C VAL C 225 -7.54 -9.62 -4.92
N THR C 226 -6.81 -10.54 -5.54
CA THR C 226 -5.73 -10.14 -6.42
C THR C 226 -6.24 -9.79 -7.82
N ALA C 227 -7.37 -10.35 -8.24
CA ALA C 227 -7.92 -10.01 -9.55
C ALA C 227 -9.41 -10.36 -9.62
N ILE C 228 -10.15 -9.52 -10.35
CA ILE C 228 -11.54 -9.77 -10.65
C ILE C 228 -11.64 -10.26 -12.09
N ILE C 229 -12.06 -11.50 -12.27
CA ILE C 229 -12.30 -12.04 -13.59
C ILE C 229 -13.74 -11.68 -13.94
N PHE C 230 -13.92 -11.03 -15.08
CA PHE C 230 -15.21 -10.50 -15.47
C PHE C 230 -15.61 -11.16 -16.78
N VAL C 231 -16.75 -11.84 -16.80
CA VAL C 231 -17.14 -12.65 -17.94
C VAL C 231 -18.42 -12.09 -18.53
N VAL C 232 -18.39 -11.80 -19.83
CA VAL C 232 -19.52 -11.24 -20.57
C VAL C 232 -19.73 -12.04 -21.85
N ALA C 233 -20.99 -12.15 -22.27
CA ALA C 233 -21.38 -12.92 -23.44
C ALA C 233 -21.77 -11.95 -24.55
N SER C 234 -20.98 -11.93 -25.62
CA SER C 234 -21.30 -11.11 -26.78
C SER C 234 -22.54 -11.66 -27.49
N SER C 235 -23.45 -10.77 -27.86
CA SER C 235 -24.70 -11.16 -28.50
C SER C 235 -24.85 -10.45 -29.85
N GLN C 246 -35.57 -9.53 -26.14
CA GLN C 246 -34.33 -9.42 -25.36
C GLN C 246 -33.98 -7.96 -25.12
N THR C 247 -33.22 -7.71 -24.05
CA THR C 247 -32.75 -6.38 -23.73
C THR C 247 -31.33 -6.18 -24.29
N ASN C 248 -30.76 -5.01 -24.02
CA ASN C 248 -29.37 -4.71 -24.39
C ASN C 248 -28.48 -5.16 -23.23
N ARG C 249 -28.10 -6.44 -23.25
CA ARG C 249 -27.28 -7.01 -22.18
C ARG C 249 -25.86 -6.46 -22.20
N LEU C 250 -25.33 -6.15 -23.39
CA LEU C 250 -23.98 -5.57 -23.51
C LEU C 250 -23.89 -4.22 -22.80
N GLN C 251 -24.93 -3.39 -22.95
CA GLN C 251 -24.98 -2.10 -22.26
C GLN C 251 -25.02 -2.27 -20.75
N GLU C 252 -25.79 -3.26 -20.27
CA GLU C 252 -25.83 -3.59 -18.85
C GLU C 252 -24.46 -4.02 -18.35
N ALA C 253 -23.74 -4.80 -19.17
CA ALA C 253 -22.38 -5.21 -18.84
C ALA C 253 -21.43 -4.02 -18.80
N LEU C 254 -21.58 -3.09 -19.75
CA LEU C 254 -20.78 -1.86 -19.76
C LEU C 254 -21.01 -1.05 -18.48
N ASN C 255 -22.28 -0.94 -18.05
CA ASN C 255 -22.62 -0.19 -16.84
C ASN C 255 -22.05 -0.87 -15.59
N LEU C 256 -22.09 -2.21 -15.55
CA LEU C 256 -21.55 -2.93 -14.40
C LEU C 256 -20.03 -2.78 -14.33
N PHE C 257 -19.35 -2.90 -15.47
CA PHE C 257 -17.91 -2.71 -15.54
C PHE C 257 -17.52 -1.29 -15.15
N LYS C 258 -18.34 -0.31 -15.57
CA LYS C 258 -18.09 1.09 -15.25
C LYS C 258 -18.22 1.32 -13.75
N SER C 259 -19.23 0.71 -13.12
CA SER C 259 -19.44 0.86 -11.68
C SER C 259 -18.33 0.18 -10.88
N ILE C 260 -17.87 -0.99 -11.34
CA ILE C 260 -16.74 -1.68 -10.71
C ILE C 260 -15.48 -0.83 -10.81
N TRP C 261 -15.22 -0.27 -11.99
CA TRP C 261 -14.02 0.51 -12.25
C TRP C 261 -13.98 1.79 -11.42
N ASN C 262 -15.10 2.52 -11.38
CA ASN C 262 -15.16 3.83 -10.74
C ASN C 262 -15.33 3.75 -9.22
N ASN C 263 -15.72 2.57 -8.69
CA ASN C 263 -15.98 2.38 -7.26
C ASN C 263 -14.75 2.77 -6.43
N ARG C 264 -15.00 3.49 -5.33
CA ARG C 264 -13.95 4.01 -4.47
C ARG C 264 -13.12 2.88 -3.85
N TRP C 265 -13.77 1.82 -3.38
CA TRP C 265 -13.04 0.74 -2.73
C TRP C 265 -12.52 -0.28 -3.73
N LEU C 266 -12.78 -0.09 -5.03
CA LEU C 266 -12.30 -0.98 -6.07
C LEU C 266 -11.47 -0.23 -7.10
N ARG C 267 -10.67 0.75 -6.65
CA ARG C 267 -9.79 1.51 -7.54
C ARG C 267 -8.39 0.91 -7.62
N THR C 268 -8.05 -0.04 -6.74
CA THR C 268 -6.73 -0.63 -6.71
C THR C 268 -6.74 -2.09 -7.13
N ILE C 269 -7.83 -2.57 -7.72
CA ILE C 269 -7.91 -3.94 -8.21
C ILE C 269 -7.98 -3.91 -9.73
N SER C 270 -7.31 -4.87 -10.35
CA SER C 270 -7.25 -5.01 -11.79
C SER C 270 -8.32 -5.99 -12.21
N VAL C 271 -8.81 -5.83 -13.44
CA VAL C 271 -9.89 -6.65 -13.97
C VAL C 271 -9.36 -7.45 -15.13
N ILE C 272 -9.59 -8.76 -15.10
CA ILE C 272 -9.31 -9.64 -16.21
C ILE C 272 -10.63 -9.86 -16.92
N LEU C 273 -10.63 -9.70 -18.23
CA LEU C 273 -11.87 -9.58 -18.99
C LEU C 273 -11.93 -10.68 -20.05
N PHE C 274 -12.98 -11.48 -20.01
CA PHE C 274 -13.23 -12.50 -21.00
C PHE C 274 -14.44 -12.11 -21.84
N LEU C 275 -14.25 -12.14 -23.15
CA LEU C 275 -15.33 -11.95 -24.10
C LEU C 275 -15.71 -13.34 -24.61
N ASN C 276 -16.85 -13.84 -24.15
CA ASN C 276 -17.27 -15.21 -24.38
C ASN C 276 -18.23 -15.24 -25.58
N LYS C 277 -18.52 -16.47 -26.04
CA LYS C 277 -19.48 -16.76 -27.11
C LYS C 277 -19.02 -16.19 -28.45
N GLN C 278 -17.71 -16.27 -28.71
CA GLN C 278 -17.11 -15.78 -29.95
C GLN C 278 -17.56 -16.59 -31.18
N ASP C 279 -18.15 -17.76 -30.98
CA ASP C 279 -18.61 -18.58 -32.10
C ASP C 279 -19.98 -18.10 -32.57
N LEU C 280 -20.84 -17.72 -31.61
CA LEU C 280 -22.18 -17.23 -31.95
C LEU C 280 -22.11 -15.92 -32.73
N LEU C 281 -21.10 -15.07 -32.45
CA LEU C 281 -20.88 -13.86 -33.23
C LEU C 281 -20.61 -14.19 -34.69
N ALA C 282 -19.77 -15.20 -34.94
CA ALA C 282 -19.52 -15.69 -36.29
C ALA C 282 -20.79 -16.24 -36.92
N GLU C 283 -21.60 -16.95 -36.15
CA GLU C 283 -22.85 -17.52 -36.65
C GLU C 283 -23.94 -16.47 -36.87
N LYS C 284 -23.76 -15.24 -36.37
CA LYS C 284 -24.76 -14.19 -36.51
C LYS C 284 -24.47 -13.25 -37.68
N VAL C 285 -23.39 -13.49 -38.44
CA VAL C 285 -23.03 -12.59 -39.53
C VAL C 285 -23.96 -12.78 -40.72
N LEU C 286 -24.63 -13.92 -40.83
CA LEU C 286 -25.56 -14.20 -41.92
C LEU C 286 -27.01 -13.95 -41.53
N ALA C 287 -27.27 -13.54 -40.29
CA ALA C 287 -28.63 -13.30 -39.82
C ALA C 287 -28.66 -12.12 -38.85
N LYS C 291 -27.59 -7.25 -35.10
CA LYS C 291 -28.17 -6.78 -33.84
C LYS C 291 -27.29 -5.71 -33.21
N ILE C 292 -25.97 -5.89 -33.33
CA ILE C 292 -24.99 -4.99 -32.71
C ILE C 292 -25.11 -3.58 -33.30
N GLU C 293 -25.35 -3.49 -34.62
CA GLU C 293 -25.50 -2.19 -35.29
C GLU C 293 -26.75 -1.44 -34.80
N ASP C 294 -27.82 -2.18 -34.49
CA ASP C 294 -29.07 -1.55 -34.04
C ASP C 294 -28.89 -0.88 -32.68
N TYR C 295 -28.19 -1.54 -31.75
CA TYR C 295 -28.03 -1.00 -30.40
C TYR C 295 -26.82 -0.06 -30.28
N PHE C 296 -25.99 0.06 -31.31
CA PHE C 296 -24.82 0.93 -31.28
C PHE C 296 -24.78 1.80 -32.52
N PRO C 297 -24.92 3.13 -32.40
CA PRO C 297 -24.83 4.01 -33.57
C PRO C 297 -23.41 4.29 -34.06
N GLU C 298 -22.40 3.74 -33.40
CA GLU C 298 -21.00 4.01 -33.71
C GLU C 298 -20.34 2.83 -34.42
N PHE C 299 -21.06 1.72 -34.58
CA PHE C 299 -20.50 0.53 -35.22
C PHE C 299 -20.20 0.78 -36.70
N ALA C 300 -21.01 1.61 -37.36
CA ALA C 300 -20.83 1.87 -38.79
C ALA C 300 -19.58 2.73 -39.02
N ARG C 301 -19.42 3.77 -38.21
CA ARG C 301 -18.25 4.65 -38.29
C ARG C 301 -17.10 4.06 -37.46
N TYR C 302 -16.65 2.88 -37.86
CA TYR C 302 -15.58 2.18 -37.15
C TYR C 302 -14.82 1.31 -38.13
N THR C 303 -13.49 1.36 -38.03
CA THR C 303 -12.60 0.54 -38.83
C THR C 303 -11.82 -0.40 -37.91
N THR C 304 -11.36 -1.51 -38.49
CA THR C 304 -10.63 -2.51 -37.74
C THR C 304 -9.24 -1.99 -37.41
N PRO C 305 -8.73 -2.20 -36.19
CA PRO C 305 -7.40 -1.69 -35.82
C PRO C 305 -6.27 -2.07 -36.76
N GLU C 306 -5.48 -1.06 -37.14
CA GLU C 306 -4.19 -1.25 -37.80
C GLU C 306 -3.17 -1.97 -36.93
N ASP C 307 -3.33 -1.97 -35.61
CA ASP C 307 -2.31 -2.53 -34.72
C ASP C 307 -2.79 -3.77 -33.96
N ALA C 308 -3.98 -4.29 -34.28
CA ALA C 308 -4.46 -5.54 -33.69
C ALA C 308 -4.60 -6.58 -34.81
N THR C 309 -3.76 -7.61 -34.78
CA THR C 309 -3.72 -8.63 -35.82
C THR C 309 -4.88 -9.61 -35.63
N PRO C 310 -5.53 -10.04 -36.72
CA PRO C 310 -6.62 -11.01 -36.62
C PRO C 310 -6.16 -12.45 -36.84
N GLU C 311 -6.70 -13.36 -36.02
CA GLU C 311 -6.34 -14.77 -36.09
C GLU C 311 -6.87 -15.38 -37.39
N PRO C 312 -6.21 -16.45 -37.92
CA PRO C 312 -6.61 -17.01 -39.21
C PRO C 312 -8.02 -17.60 -39.22
N GLY C 313 -8.69 -17.45 -40.37
CA GLY C 313 -9.94 -18.14 -40.64
C GLY C 313 -11.17 -17.39 -40.16
N GLU C 314 -11.03 -16.09 -39.91
CA GLU C 314 -12.11 -15.27 -39.37
C GLU C 314 -12.60 -14.28 -40.41
N ASP C 315 -13.92 -14.26 -40.62
CA ASP C 315 -14.63 -13.29 -41.45
C ASP C 315 -14.36 -11.89 -40.92
N PRO C 316 -13.74 -10.98 -41.71
CA PRO C 316 -13.43 -9.62 -41.25
C PRO C 316 -14.55 -8.82 -40.56
N ARG C 317 -15.82 -9.11 -40.88
CA ARG C 317 -16.93 -8.47 -40.17
C ARG C 317 -16.96 -8.93 -38.72
N VAL C 318 -16.63 -10.19 -38.47
CA VAL C 318 -16.65 -10.74 -37.13
C VAL C 318 -15.49 -10.19 -36.32
N THR C 319 -14.34 -9.96 -36.98
CA THR C 319 -13.19 -9.35 -36.32
C THR C 319 -13.47 -7.89 -35.97
N ARG C 320 -14.22 -7.21 -36.85
CA ARG C 320 -14.60 -5.82 -36.60
C ARG C 320 -15.54 -5.72 -35.40
N ALA C 321 -16.51 -6.64 -35.33
CA ALA C 321 -17.43 -6.70 -34.19
C ALA C 321 -16.68 -7.03 -32.89
N LYS C 322 -15.72 -7.95 -32.96
CA LYS C 322 -14.91 -8.32 -31.79
C LYS C 322 -14.14 -7.12 -31.25
N TYR C 323 -13.43 -6.44 -32.13
CA TYR C 323 -12.55 -5.35 -31.71
C TYR C 323 -13.36 -4.12 -31.29
N PHE C 324 -14.54 -3.93 -31.88
CA PHE C 324 -15.44 -2.87 -31.44
C PHE C 324 -15.92 -3.12 -30.01
N ILE C 325 -16.39 -4.35 -29.74
CA ILE C 325 -16.84 -4.73 -28.39
C ILE C 325 -15.70 -4.55 -27.38
N ARG C 326 -14.48 -4.99 -27.75
CA ARG C 326 -13.30 -4.80 -26.89
C ARG C 326 -13.06 -3.31 -26.62
N ASP C 327 -13.08 -2.49 -27.67
CA ASP C 327 -12.78 -1.06 -27.53
C ASP C 327 -13.84 -0.32 -26.71
N GLU C 328 -15.05 -0.88 -26.61
CA GLU C 328 -16.08 -0.27 -25.76
C GLU C 328 -15.73 -0.39 -24.28
N PHE C 329 -15.06 -1.49 -23.92
CA PHE C 329 -14.57 -1.67 -22.56
C PHE C 329 -13.27 -0.91 -22.34
N LEU C 330 -12.47 -0.79 -23.41
CA LEU C 330 -11.18 -0.12 -23.32
C LEU C 330 -11.32 1.38 -23.13
N ARG C 331 -12.31 2.01 -23.80
CA ARG C 331 -12.53 3.45 -23.60
C ARG C 331 -12.94 3.75 -22.16
N ILE C 332 -13.72 2.86 -21.55
CA ILE C 332 -14.10 2.99 -20.14
C ILE C 332 -12.87 2.85 -19.24
N SER C 333 -12.02 1.85 -19.53
CA SER C 333 -10.87 1.60 -18.67
C SER C 333 -9.78 2.66 -18.83
N THR C 334 -9.68 3.28 -20.01
CA THR C 334 -8.68 4.30 -20.27
C THR C 334 -9.20 5.72 -19.98
N ALA C 335 -10.51 5.87 -19.79
CA ALA C 335 -11.16 7.15 -19.52
C ALA C 335 -10.57 7.81 -18.27
N SER C 336 -10.85 7.22 -17.11
CA SER C 336 -10.36 7.72 -15.82
C SER C 336 -8.84 7.88 -15.84
N GLY C 337 -8.13 6.80 -16.16
CA GLY C 337 -6.68 6.74 -16.25
C GLY C 337 -5.93 7.25 -15.04
N ASP C 338 -6.13 6.57 -13.91
CA ASP C 338 -5.46 6.96 -12.67
C ASP C 338 -4.04 6.41 -12.60
N GLY C 339 -3.81 5.27 -13.26
CA GLY C 339 -2.50 4.64 -13.27
C GLY C 339 -2.26 3.75 -12.08
N ARG C 340 -3.32 3.09 -11.60
CA ARG C 340 -3.26 2.18 -10.45
C ARG C 340 -3.60 0.75 -10.85
N HIS C 341 -4.61 0.57 -11.69
CA HIS C 341 -5.06 -0.74 -12.11
C HIS C 341 -5.24 -0.76 -13.63
N TYR C 342 -5.19 -1.97 -14.20
CA TYR C 342 -5.28 -2.17 -15.64
C TYR C 342 -6.35 -3.22 -15.97
N CYS C 343 -6.87 -3.13 -17.20
CA CYS C 343 -7.88 -4.05 -17.70
C CYS C 343 -7.26 -4.92 -18.79
N TYR C 344 -7.39 -6.24 -18.64
CA TYR C 344 -6.76 -7.21 -19.54
C TYR C 344 -7.83 -7.97 -20.32
N PRO C 345 -8.16 -7.57 -21.55
CA PRO C 345 -9.20 -8.27 -22.30
C PRO C 345 -8.68 -9.48 -23.06
N HIS C 346 -9.52 -10.52 -23.12
CA HIS C 346 -9.21 -11.75 -23.83
C HIS C 346 -10.41 -12.21 -24.62
N PHE C 347 -10.21 -13.29 -25.38
CA PHE C 347 -11.25 -13.97 -26.13
C PHE C 347 -11.31 -15.42 -25.66
N THR C 348 -12.49 -16.02 -25.71
CA THR C 348 -12.65 -17.42 -25.36
C THR C 348 -13.82 -18.02 -26.13
N CYS C 349 -13.70 -19.31 -26.45
CA CYS C 349 -14.81 -20.06 -27.03
C CYS C 349 -15.72 -20.58 -25.94
N ALA C 350 -16.85 -21.17 -26.34
CA ALA C 350 -17.76 -21.82 -25.41
C ALA C 350 -17.10 -23.04 -24.78
N VAL C 351 -16.27 -23.76 -25.54
CA VAL C 351 -15.46 -24.86 -25.03
C VAL C 351 -14.00 -24.54 -25.36
N ASP C 352 -13.21 -24.28 -24.32
CA ASP C 352 -11.80 -23.92 -24.49
C ASP C 352 -11.04 -24.33 -23.24
N THR C 353 -9.73 -24.53 -23.40
CA THR C 353 -8.88 -25.07 -22.34
C THR C 353 -7.69 -24.18 -22.01
N GLU C 354 -7.34 -23.23 -22.88
CA GLU C 354 -6.21 -22.33 -22.64
C GLU C 354 -6.48 -21.32 -21.53
N ASN C 355 -7.77 -21.11 -21.21
CA ASN C 355 -8.26 -20.10 -20.26
C ASN C 355 -7.46 -20.04 -18.97
N ILE C 356 -7.20 -21.22 -18.38
CA ILE C 356 -6.50 -21.32 -17.10
C ILE C 356 -5.07 -20.77 -17.24
N ARG C 357 -4.42 -21.11 -18.36
CA ARG C 357 -3.10 -20.58 -18.68
C ARG C 357 -3.14 -19.07 -18.86
N ARG C 358 -4.22 -18.55 -19.47
CA ARG C 358 -4.38 -17.11 -19.70
C ARG C 358 -4.36 -16.31 -18.39
N VAL C 359 -5.32 -16.62 -17.50
CA VAL C 359 -5.46 -16.00 -16.17
C VAL C 359 -4.12 -15.98 -15.43
N PHE C 360 -3.41 -17.12 -15.43
CA PHE C 360 -2.10 -17.23 -14.80
C PHE C 360 -1.12 -16.23 -15.40
N ASN C 361 -1.07 -16.16 -16.73
CA ASN C 361 -0.15 -15.27 -17.43
C ASN C 361 -0.55 -13.80 -17.31
N ASP C 362 -1.70 -13.51 -16.70
CA ASP C 362 -2.04 -12.12 -16.38
C ASP C 362 -1.90 -11.83 -14.90
N CYS C 363 -2.11 -12.82 -14.02
CA CYS C 363 -2.01 -12.59 -12.59
C CYS C 363 -0.57 -12.27 -12.19
N ARG C 364 0.38 -12.95 -12.83
CA ARG C 364 1.80 -12.66 -12.63
C ARG C 364 2.10 -11.22 -13.04
N ASP C 365 1.54 -10.79 -14.18
CA ASP C 365 1.75 -9.44 -14.69
C ASP C 365 1.26 -8.43 -13.69
N ILE C 366 0.09 -8.70 -13.08
CA ILE C 366 -0.48 -7.80 -12.07
C ILE C 366 0.47 -7.67 -10.89
N ILE C 367 0.97 -8.82 -10.42
CA ILE C 367 1.88 -8.87 -9.28
C ILE C 367 3.17 -8.13 -9.63
N GLN C 368 3.66 -8.29 -10.86
CA GLN C 368 4.88 -7.63 -11.29
C GLN C 368 4.69 -6.12 -11.30
N ARG C 369 3.54 -5.66 -11.82
CA ARG C 369 3.25 -4.23 -11.87
C ARG C 369 3.11 -3.66 -10.47
N MET C 370 2.62 -4.47 -9.52
CA MET C 370 2.48 -4.03 -8.14
C MET C 370 3.86 -3.73 -7.54
N HIS C 371 4.83 -4.60 -7.79
CA HIS C 371 6.18 -4.38 -7.28
C HIS C 371 6.81 -3.17 -7.96
N LEU C 372 6.48 -2.95 -9.24
CA LEU C 372 7.04 -1.81 -9.95
C LEU C 372 6.37 -0.51 -9.52
N ARG C 373 5.18 -0.60 -8.93
CA ARG C 373 4.59 0.58 -8.29
C ARG C 373 5.32 0.92 -6.99
N GLN C 374 5.80 -0.09 -6.26
CA GLN C 374 6.49 0.14 -4.99
C GLN C 374 7.80 0.91 -5.19
N TYR C 375 8.55 0.56 -6.24
CA TYR C 375 9.85 1.19 -6.52
C TYR C 375 9.72 2.48 -7.33
N GLU C 376 8.49 2.99 -7.52
CA GLU C 376 8.21 4.30 -8.14
C GLU C 376 8.64 4.31 -9.62
N LEU C 377 8.59 3.15 -10.27
CA LEU C 377 9.06 3.03 -11.65
C LEU C 377 7.93 3.15 -12.67
N LEU C 378 6.70 2.79 -12.29
CA LEU C 378 5.56 2.89 -13.19
C LEU C 378 4.42 3.69 -12.53
N GLU D 8 -58.48 -0.41 -8.30
CA GLU D 8 -58.12 -1.11 -7.06
C GLU D 8 -56.80 -0.57 -6.50
N LEU D 9 -55.83 -0.29 -7.38
CA LEU D 9 -54.53 0.20 -6.93
C LEU D 9 -54.57 1.68 -6.58
N ASP D 10 -55.46 2.45 -7.21
CA ASP D 10 -55.53 3.89 -6.99
C ASP D 10 -56.07 4.21 -5.60
N GLN D 11 -57.14 3.51 -5.19
CA GLN D 11 -57.76 3.71 -3.89
C GLN D 11 -56.86 3.23 -2.74
N LEU D 12 -55.86 2.40 -3.03
CA LEU D 12 -54.94 1.94 -1.99
C LEU D 12 -53.69 2.83 -1.92
N ARG D 13 -53.18 3.27 -3.07
CA ARG D 13 -52.01 4.13 -3.10
C ARG D 13 -52.35 5.53 -2.57
N GLN D 14 -53.53 6.06 -2.95
CA GLN D 14 -53.96 7.36 -2.44
C GLN D 14 -54.25 7.28 -0.94
N GLU D 15 -54.79 6.14 -0.48
CA GLU D 15 -55.00 5.92 0.95
C GLU D 15 -53.67 5.90 1.70
N ALA D 16 -52.67 5.22 1.13
CA ALA D 16 -51.33 5.19 1.73
C ALA D 16 -50.72 6.59 1.82
N GLU D 17 -50.93 7.41 0.77
CA GLU D 17 -50.45 8.79 0.77
C GLU D 17 -51.17 9.63 1.83
N GLN D 18 -52.48 9.40 1.99
CA GLN D 18 -53.26 10.07 3.03
C GLN D 18 -52.75 9.70 4.42
N LEU D 19 -52.52 8.41 4.67
CA LEU D 19 -52.03 7.94 5.96
C LEU D 19 -50.64 8.50 6.27
N LYS D 20 -49.77 8.57 5.26
CA LYS D 20 -48.45 9.19 5.42
C LYS D 20 -48.58 10.66 5.79
N ASN D 21 -49.50 11.37 5.13
CA ASN D 21 -49.72 12.79 5.42
C ASN D 21 -50.30 12.98 6.82
N GLN D 22 -51.16 12.06 7.25
CA GLN D 22 -51.70 12.08 8.62
C GLN D 22 -50.59 11.90 9.66
N ILE D 23 -49.66 10.97 9.39
CA ILE D 23 -48.54 10.73 10.31
C ILE D 23 -47.61 11.95 10.34
N ARG D 24 -47.35 12.55 9.16
CA ARG D 24 -46.53 13.76 9.08
C ARG D 24 -47.16 14.91 9.86
N ASP D 25 -48.48 15.06 9.76
CA ASP D 25 -49.18 16.15 10.45
C ASP D 25 -49.23 15.90 11.97
N ALA D 26 -49.34 14.62 12.37
CA ALA D 26 -49.26 14.27 13.79
C ALA D 26 -47.88 14.60 14.36
N ARG D 27 -46.83 14.32 13.59
CA ARG D 27 -45.46 14.63 14.00
C ARG D 27 -45.25 16.14 14.12
N LYS D 28 -45.73 16.90 13.13
CA LYS D 28 -45.63 18.36 13.18
C LYS D 28 -46.49 18.94 14.30
N ALA D 29 -47.62 18.29 14.64
CA ALA D 29 -48.44 18.71 15.76
C ALA D 29 -47.70 18.50 17.08
N CYS D 30 -46.99 17.38 17.21
CA CYS D 30 -46.27 17.07 18.44
C CYS D 30 -44.91 17.76 18.51
N ALA D 31 -44.48 18.42 17.44
CA ALA D 31 -43.19 19.14 17.40
C ALA D 31 -43.36 20.49 18.10
N ASP D 32 -43.23 20.47 19.43
CA ASP D 32 -43.44 21.66 20.25
C ASP D 32 -42.19 22.54 20.33
N ALA D 33 -41.01 21.93 20.14
CA ALA D 33 -39.70 22.57 20.17
C ALA D 33 -38.65 21.53 19.79
N THR D 34 -37.37 21.91 19.83
CA THR D 34 -36.28 21.02 19.43
C THR D 34 -35.33 20.82 20.60
N LEU D 35 -34.47 19.80 20.46
CA LEU D 35 -33.44 19.52 21.45
C LEU D 35 -32.38 20.62 21.48
N SER D 36 -32.17 21.30 20.36
CA SER D 36 -31.15 22.36 20.27
C SER D 36 -31.64 23.70 20.81
N GLN D 37 -32.86 23.79 21.29
CA GLN D 37 -33.37 25.00 21.94
C GLN D 37 -33.36 24.90 23.46
N ILE D 38 -33.74 23.74 24.00
CA ILE D 38 -33.83 23.55 25.45
C ILE D 38 -32.48 23.17 26.06
N THR D 39 -31.42 23.15 25.26
CA THR D 39 -30.08 22.78 25.73
C THR D 39 -29.10 23.93 25.56
N ASN D 40 -29.57 25.16 25.78
CA ASN D 40 -28.71 26.33 25.70
C ASN D 40 -27.85 26.45 26.97
N ASN D 41 -28.45 26.22 28.13
CA ASN D 41 -27.76 26.34 29.41
C ASN D 41 -27.29 24.95 29.88
N ILE D 42 -26.43 24.35 29.05
CA ILE D 42 -25.76 23.09 29.35
C ILE D 42 -24.26 23.33 29.19
N ASP D 43 -23.47 22.81 30.14
CA ASP D 43 -22.03 23.00 30.10
C ASP D 43 -21.43 22.21 28.95
N PRO D 44 -20.43 22.77 28.23
CA PRO D 44 -19.76 22.01 27.18
C PRO D 44 -18.84 20.93 27.75
N VAL D 45 -18.69 19.85 26.98
CA VAL D 45 -17.91 18.67 27.36
C VAL D 45 -16.40 18.93 27.21
N GLY D 46 -16.01 20.14 26.85
CA GLY D 46 -14.61 20.47 26.60
C GLY D 46 -13.93 19.62 25.54
N ARG D 47 -12.60 19.64 25.51
CA ARG D 47 -11.84 18.89 24.53
C ARG D 47 -11.47 17.53 25.11
N ILE D 48 -12.16 16.48 24.63
CA ILE D 48 -11.89 15.11 25.02
C ILE D 48 -10.65 14.63 24.28
N GLN D 49 -9.52 14.58 24.97
CA GLN D 49 -8.25 14.14 24.39
C GLN D 49 -7.96 12.70 24.83
N MET D 50 -8.39 11.75 24.00
CA MET D 50 -8.18 10.33 24.28
C MET D 50 -6.83 9.89 23.73
N ARG D 51 -6.24 8.89 24.39
CA ARG D 51 -4.92 8.38 24.09
C ARG D 51 -5.05 6.91 23.74
N THR D 52 -4.16 6.41 22.88
CA THR D 52 -4.12 4.99 22.59
C THR D 52 -3.34 4.28 23.70
N ARG D 53 -4.00 3.34 24.38
CA ARG D 53 -3.36 2.60 25.46
C ARG D 53 -2.84 1.23 25.02
N ARG D 54 -3.54 0.58 24.10
CA ARG D 54 -3.10 -0.72 23.58
C ARG D 54 -3.22 -0.70 22.07
N THR D 55 -2.55 -1.66 21.44
CA THR D 55 -2.66 -1.87 19.99
C THR D 55 -2.54 -3.36 19.73
N LEU D 56 -3.66 -3.99 19.38
CA LEU D 56 -3.72 -5.43 19.22
C LEU D 56 -3.38 -5.77 17.77
N ARG D 57 -2.31 -6.55 17.57
CA ARG D 57 -1.74 -6.81 16.26
C ARG D 57 -1.61 -8.32 16.06
N GLY D 58 -2.64 -8.96 15.49
CA GLY D 58 -2.58 -10.37 15.19
C GLY D 58 -3.18 -10.77 13.86
N HIS D 59 -4.06 -9.93 13.32
CA HIS D 59 -4.83 -10.28 12.13
C HIS D 59 -4.03 -10.06 10.86
N LEU D 60 -4.33 -10.87 9.84
CA LEU D 60 -3.62 -10.87 8.57
C LEU D 60 -4.35 -10.02 7.53
N ALA D 61 -5.66 -10.20 7.42
CA ALA D 61 -6.50 -9.42 6.54
C ALA D 61 -7.20 -8.33 7.35
N LYS D 62 -8.11 -7.61 6.70
CA LYS D 62 -8.83 -6.52 7.35
C LYS D 62 -9.79 -7.05 8.42
N ILE D 63 -9.94 -6.27 9.49
CA ILE D 63 -10.84 -6.59 10.60
C ILE D 63 -12.20 -5.99 10.27
N TYR D 64 -13.26 -6.81 10.33
CA TYR D 64 -14.55 -6.35 9.82
C TYR D 64 -15.52 -5.99 10.93
N ALA D 65 -15.59 -6.79 12.00
CA ALA D 65 -16.49 -6.50 13.11
C ALA D 65 -15.86 -6.99 14.41
N MET D 66 -16.25 -6.36 15.53
CA MET D 66 -15.77 -6.76 16.84
C MET D 66 -16.86 -6.51 17.87
N HIS D 67 -16.71 -7.14 19.04
CA HIS D 67 -17.72 -7.08 20.09
C HIS D 67 -17.06 -7.29 21.44
N TRP D 68 -17.23 -6.31 22.35
CA TRP D 68 -16.75 -6.43 23.72
C TRP D 68 -17.55 -7.48 24.48
N GLY D 69 -16.88 -8.14 25.43
CA GLY D 69 -17.56 -9.03 26.34
C GLY D 69 -18.17 -8.28 27.51
N THR D 70 -19.05 -8.98 28.24
CA THR D 70 -19.81 -8.33 29.31
C THR D 70 -18.98 -8.08 30.57
N ASP D 71 -17.76 -8.61 30.62
CA ASP D 71 -16.87 -8.41 31.77
C ASP D 71 -15.88 -7.27 31.53
N SER D 72 -15.92 -6.67 30.33
CA SER D 72 -15.03 -5.60 29.88
C SER D 72 -13.57 -6.04 29.87
N ARG D 73 -13.33 -7.34 29.73
CA ARG D 73 -12.00 -7.93 29.78
C ARG D 73 -11.61 -8.55 28.45
N LEU D 74 -12.48 -9.36 27.86
CA LEU D 74 -12.22 -10.08 26.63
C LEU D 74 -13.00 -9.46 25.47
N LEU D 75 -12.42 -9.49 24.27
CA LEU D 75 -13.13 -9.04 23.08
C LEU D 75 -12.85 -10.00 21.91
N VAL D 76 -13.85 -10.14 21.05
CA VAL D 76 -13.77 -10.99 19.87
C VAL D 76 -13.59 -10.08 18.66
N SER D 77 -12.62 -10.42 17.81
CA SER D 77 -12.39 -9.72 16.56
C SER D 77 -12.39 -10.73 15.41
N ALA D 78 -13.04 -10.37 14.32
CA ALA D 78 -13.21 -11.25 13.16
C ALA D 78 -12.55 -10.63 11.94
N SER D 79 -11.68 -11.39 11.28
CA SER D 79 -11.02 -10.88 10.08
C SER D 79 -11.48 -11.67 8.86
N GLN D 80 -10.99 -11.23 7.69
CA GLN D 80 -11.34 -11.85 6.42
C GLN D 80 -10.36 -12.97 6.04
N ASP D 81 -9.33 -13.18 6.85
CA ASP D 81 -8.35 -14.25 6.60
C ASP D 81 -8.88 -15.61 7.06
N GLY D 82 -10.07 -15.66 7.62
CA GLY D 82 -10.63 -16.88 8.15
C GLY D 82 -10.40 -17.08 9.63
N LYS D 83 -9.73 -16.13 10.29
CA LYS D 83 -9.45 -16.24 11.71
C LYS D 83 -10.39 -15.37 12.55
N LEU D 84 -10.78 -15.92 13.69
CA LEU D 84 -11.58 -15.28 14.73
C LEU D 84 -10.76 -15.33 16.00
N ILE D 85 -10.35 -14.16 16.51
CA ILE D 85 -9.37 -14.11 17.60
C ILE D 85 -10.03 -13.47 18.82
N ILE D 86 -9.82 -14.10 19.98
CA ILE D 86 -10.31 -13.59 21.25
C ILE D 86 -9.13 -12.98 22.00
N TRP D 87 -9.23 -11.69 22.29
CA TRP D 87 -8.16 -10.91 22.89
C TRP D 87 -8.46 -10.66 24.35
N ASP D 88 -7.42 -10.72 25.18
CA ASP D 88 -7.46 -10.22 26.54
C ASP D 88 -7.00 -8.77 26.47
N SER D 89 -7.92 -7.84 26.73
CA SER D 89 -7.69 -6.41 26.49
C SER D 89 -6.62 -5.83 27.41
N TYR D 90 -6.40 -6.40 28.59
CA TYR D 90 -5.43 -5.84 29.53
C TYR D 90 -4.01 -6.22 29.15
N THR D 91 -3.73 -7.51 29.06
CA THR D 91 -2.37 -8.02 28.86
C THR D 91 -2.01 -8.19 27.38
N THR D 92 -2.98 -7.98 26.48
CA THR D 92 -2.83 -8.11 25.02
C THR D 92 -2.42 -9.53 24.60
N ASN D 93 -2.78 -10.52 25.42
CA ASN D 93 -2.55 -11.92 25.08
C ASN D 93 -3.74 -12.44 24.29
N LYS D 94 -3.44 -13.20 23.23
CA LYS D 94 -4.46 -13.91 22.49
C LYS D 94 -4.84 -15.18 23.24
N VAL D 95 -6.13 -15.31 23.58
CA VAL D 95 -6.60 -16.42 24.39
C VAL D 95 -7.02 -17.59 23.50
N HIS D 96 -7.81 -17.31 22.46
CA HIS D 96 -8.21 -18.32 21.49
C HIS D 96 -8.06 -17.77 20.07
N ALA D 97 -7.66 -18.65 19.15
CA ALA D 97 -7.66 -18.37 17.72
C ALA D 97 -8.44 -19.50 17.04
N ILE D 98 -9.51 -19.14 16.32
CA ILE D 98 -10.41 -20.12 15.72
C ILE D 98 -10.34 -19.97 14.21
N PRO D 99 -10.06 -21.06 13.47
CA PRO D 99 -10.12 -21.01 12.01
C PRO D 99 -11.52 -21.29 11.48
N LEU D 100 -12.01 -20.40 10.63
CA LEU D 100 -13.37 -20.47 10.12
C LEU D 100 -13.42 -21.27 8.82
N ARG D 101 -14.58 -21.89 8.58
CA ARG D 101 -14.76 -22.74 7.41
C ARG D 101 -14.79 -21.90 6.13
N SER D 102 -15.41 -20.72 6.18
CA SER D 102 -15.40 -19.79 5.07
C SER D 102 -14.36 -18.69 5.34
N SER D 103 -14.04 -17.93 4.29
CA SER D 103 -13.08 -16.85 4.43
C SER D 103 -13.76 -15.54 4.79
N TRP D 104 -14.98 -15.30 4.29
CA TRP D 104 -15.62 -14.00 4.48
C TRP D 104 -16.51 -14.02 5.71
N VAL D 105 -16.26 -13.03 6.58
CA VAL D 105 -17.01 -12.82 7.80
C VAL D 105 -17.47 -11.36 7.78
N MET D 106 -18.72 -11.14 8.17
CA MET D 106 -19.24 -9.80 8.28
C MET D 106 -19.67 -9.46 9.70
N THR D 107 -19.95 -10.45 10.53
CA THR D 107 -20.37 -10.19 11.90
C THR D 107 -19.76 -11.21 12.85
N CYS D 108 -19.60 -10.79 14.10
CA CYS D 108 -19.24 -11.68 15.20
C CYS D 108 -19.82 -11.11 16.49
N ALA D 109 -20.21 -12.02 17.39
CA ALA D 109 -20.89 -11.66 18.63
C ALA D 109 -20.40 -12.55 19.76
N TYR D 110 -20.19 -11.94 20.92
CA TYR D 110 -19.75 -12.63 22.13
C TYR D 110 -20.92 -12.64 23.11
N ALA D 111 -21.40 -13.85 23.44
CA ALA D 111 -22.57 -14.11 24.29
C ALA D 111 -22.46 -13.41 25.64
N PRO D 112 -23.59 -13.00 26.25
CA PRO D 112 -23.53 -12.33 27.56
C PRO D 112 -22.93 -13.16 28.69
N SER D 113 -22.95 -14.49 28.58
CA SER D 113 -22.37 -15.37 29.60
C SER D 113 -20.90 -15.70 29.31
N GLY D 114 -20.42 -15.42 28.11
CA GLY D 114 -19.04 -15.69 27.73
C GLY D 114 -18.80 -17.10 27.26
N ASN D 115 -19.84 -17.91 27.13
CA ASN D 115 -19.71 -19.32 26.76
C ASN D 115 -19.70 -19.52 25.25
N TYR D 116 -20.35 -18.64 24.50
CA TYR D 116 -20.58 -18.84 23.07
C TYR D 116 -20.05 -17.66 22.27
N VAL D 117 -19.56 -17.96 21.06
CA VAL D 117 -19.17 -16.95 20.08
C VAL D 117 -19.84 -17.30 18.76
N ALA D 118 -20.58 -16.34 18.19
CA ALA D 118 -21.25 -16.56 16.91
C ALA D 118 -20.59 -15.68 15.84
N CYS D 119 -20.54 -16.21 14.62
CA CYS D 119 -19.97 -15.49 13.50
C CYS D 119 -20.79 -15.74 12.25
N GLY D 120 -20.84 -14.74 11.38
CA GLY D 120 -21.57 -14.85 10.13
C GLY D 120 -20.89 -14.09 9.01
N GLY D 121 -21.19 -14.50 7.78
CA GLY D 121 -20.61 -13.91 6.60
C GLY D 121 -21.42 -14.18 5.35
N LEU D 122 -20.73 -14.12 4.21
CA LEU D 122 -21.35 -14.34 2.90
C LEU D 122 -21.89 -15.76 2.73
N ASP D 123 -21.32 -16.71 3.48
CA ASP D 123 -21.68 -18.13 3.40
C ASP D 123 -23.15 -18.43 3.76
N ASN D 124 -23.89 -17.46 4.31
CA ASN D 124 -25.31 -17.56 4.70
C ASN D 124 -25.52 -18.50 5.88
N ILE D 125 -24.46 -18.86 6.60
CA ILE D 125 -24.54 -19.81 7.69
C ILE D 125 -23.94 -19.16 8.94
N CYS D 126 -24.73 -19.09 10.01
CA CYS D 126 -24.29 -18.49 11.27
C CYS D 126 -23.74 -19.59 12.16
N SER D 127 -22.43 -19.54 12.44
CA SER D 127 -21.77 -20.59 13.20
C SER D 127 -21.64 -20.16 14.65
N ILE D 128 -22.16 -20.99 15.56
CA ILE D 128 -22.10 -20.76 16.99
C ILE D 128 -21.10 -21.74 17.60
N TYR D 129 -20.05 -21.19 18.20
CA TYR D 129 -18.94 -21.92 18.79
C TYR D 129 -19.05 -21.95 20.31
N ASN D 130 -18.85 -23.13 20.89
CA ASN D 130 -18.87 -23.33 22.33
C ASN D 130 -17.44 -23.16 22.87
N LEU D 131 -17.25 -22.19 23.75
CA LEU D 131 -15.93 -21.88 24.34
C LEU D 131 -15.64 -22.70 25.60
N LYS D 132 -16.58 -23.54 26.04
CA LYS D 132 -16.38 -24.36 27.24
C LYS D 132 -15.15 -25.26 27.06
N THR D 133 -15.21 -26.15 26.07
CA THR D 133 -14.09 -26.99 25.60
C THR D 133 -13.38 -27.72 26.73
N ARG D 134 -14.09 -28.70 27.30
CA ARG D 134 -13.49 -29.58 28.30
C ARG D 134 -12.42 -30.48 27.67
N GLU D 135 -12.49 -30.71 26.35
CA GLU D 135 -11.40 -31.35 25.63
C GLU D 135 -10.19 -30.41 25.55
N GLY D 136 -10.44 -29.11 25.40
CA GLY D 136 -9.41 -28.09 25.33
C GLY D 136 -9.27 -27.44 23.98
N ASN D 137 -10.14 -27.79 23.02
CA ASN D 137 -10.15 -27.20 21.69
C ASN D 137 -11.56 -26.75 21.34
N VAL D 138 -11.65 -25.60 20.68
CA VAL D 138 -12.93 -25.05 20.22
C VAL D 138 -13.58 -26.02 19.23
N ARG D 139 -14.91 -25.98 19.19
CA ARG D 139 -15.68 -26.85 18.31
C ARG D 139 -16.99 -26.16 17.96
N VAL D 140 -17.49 -26.46 16.76
CA VAL D 140 -18.76 -25.91 16.29
C VAL D 140 -19.88 -26.49 17.15
N SER D 141 -20.56 -25.63 17.91
CA SER D 141 -21.73 -26.09 18.65
C SER D 141 -22.89 -26.32 17.70
N ARG D 142 -23.25 -25.29 16.92
CA ARG D 142 -24.33 -25.44 15.96
C ARG D 142 -24.28 -24.34 14.90
N GLU D 143 -24.38 -24.74 13.64
CA GLU D 143 -24.43 -23.81 12.51
C GLU D 143 -25.87 -23.70 12.01
N LEU D 144 -26.29 -22.48 11.73
CA LEU D 144 -27.66 -22.14 11.33
C LEU D 144 -27.69 -21.76 9.85
N ALA D 145 -28.59 -22.40 9.08
CA ALA D 145 -28.70 -22.16 7.64
C ALA D 145 -30.16 -21.96 7.24
N GLY D 146 -30.67 -20.74 7.43
CA GLY D 146 -32.04 -20.42 7.03
C GLY D 146 -32.20 -19.11 6.28
N HIS D 147 -31.10 -18.58 5.74
CA HIS D 147 -31.12 -17.29 5.04
C HIS D 147 -30.72 -17.48 3.59
N THR D 148 -31.17 -16.55 2.74
CA THR D 148 -30.98 -16.63 1.30
C THR D 148 -30.16 -15.46 0.73
N GLY D 149 -29.69 -14.54 1.57
CA GLY D 149 -28.88 -13.44 1.08
C GLY D 149 -27.44 -13.51 1.55
N TYR D 150 -27.13 -12.74 2.60
CA TYR D 150 -25.87 -12.82 3.32
C TYR D 150 -26.13 -12.36 4.75
N LEU D 151 -25.37 -12.89 5.70
CA LEU D 151 -25.62 -12.60 7.10
C LEU D 151 -24.84 -11.35 7.49
N SER D 152 -25.56 -10.28 7.80
CA SER D 152 -24.96 -8.96 8.00
C SER D 152 -24.64 -8.67 9.47
N CYS D 153 -25.51 -9.07 10.39
CA CYS D 153 -25.32 -8.79 11.81
C CYS D 153 -26.11 -9.79 12.65
N CYS D 154 -25.50 -10.24 13.75
CA CYS D 154 -26.17 -11.13 14.70
C CYS D 154 -25.85 -10.71 16.13
N ARG D 155 -26.78 -11.00 17.04
CA ARG D 155 -26.68 -10.61 18.44
C ARG D 155 -27.35 -11.65 19.33
N PHE D 156 -26.72 -11.94 20.47
CA PHE D 156 -27.24 -12.89 21.44
C PHE D 156 -28.22 -12.20 22.39
N LEU D 157 -29.47 -12.68 22.41
CA LEU D 157 -30.40 -12.27 23.47
C LEU D 157 -30.00 -12.93 24.79
N ASP D 158 -29.70 -14.23 24.73
CA ASP D 158 -29.26 -15.04 25.85
C ASP D 158 -28.56 -16.28 25.28
N ASP D 159 -28.37 -17.30 26.11
CA ASP D 159 -27.64 -18.51 25.70
C ASP D 159 -28.32 -19.24 24.56
N ASN D 160 -29.66 -19.31 24.55
CA ASN D 160 -30.37 -20.14 23.58
C ASN D 160 -31.05 -19.36 22.46
N GLN D 161 -31.08 -18.02 22.51
CA GLN D 161 -31.72 -17.24 21.46
C GLN D 161 -30.74 -16.24 20.85
N ILE D 162 -30.78 -16.14 19.52
CA ILE D 162 -29.92 -15.23 18.77
C ILE D 162 -30.75 -14.58 17.66
N VAL D 163 -30.67 -13.26 17.58
CA VAL D 163 -31.33 -12.48 16.54
C VAL D 163 -30.31 -12.29 15.42
N THR D 164 -30.75 -12.47 14.18
CA THR D 164 -29.88 -12.31 13.03
C THR D 164 -30.52 -11.37 12.01
N SER D 165 -29.65 -10.70 11.25
CA SER D 165 -30.04 -9.82 10.17
C SER D 165 -29.43 -10.34 8.87
N SER D 166 -30.25 -10.44 7.84
CA SER D 166 -29.79 -10.95 6.56
C SER D 166 -29.88 -9.87 5.48
N GLY D 167 -29.29 -10.18 4.34
CA GLY D 167 -29.34 -9.32 3.17
C GLY D 167 -30.47 -9.64 2.21
N ASP D 168 -31.44 -10.46 2.62
CA ASP D 168 -32.62 -10.76 1.80
C ASP D 168 -33.85 -10.02 2.32
N THR D 169 -33.65 -8.84 2.93
CA THR D 169 -34.63 -7.87 3.43
C THR D 169 -35.33 -8.33 4.71
N THR D 170 -34.96 -9.48 5.29
CA THR D 170 -35.65 -10.02 6.44
C THR D 170 -34.69 -10.22 7.61
N CYS D 171 -35.25 -10.16 8.82
CA CYS D 171 -34.56 -10.48 10.06
C CYS D 171 -35.14 -11.78 10.63
N ALA D 172 -34.37 -12.48 11.43
CA ALA D 172 -34.81 -13.74 12.00
C ALA D 172 -34.48 -13.80 13.49
N LEU D 173 -35.25 -14.63 14.20
CA LEU D 173 -34.99 -15.00 15.58
C LEU D 173 -34.84 -16.52 15.61
N TRP D 174 -33.71 -16.99 16.14
CA TRP D 174 -33.40 -18.40 16.15
C TRP D 174 -33.57 -18.98 17.56
N ASP D 175 -33.70 -20.30 17.61
CA ASP D 175 -33.49 -21.07 18.82
C ASP D 175 -32.26 -21.95 18.58
N ILE D 176 -31.25 -21.80 19.43
CA ILE D 176 -29.97 -22.45 19.22
C ILE D 176 -30.07 -23.94 19.52
N GLU D 177 -30.88 -24.32 20.52
CA GLU D 177 -30.98 -25.72 20.94
C GLU D 177 -31.63 -26.57 19.85
N THR D 178 -32.69 -26.07 19.22
CA THR D 178 -33.36 -26.79 18.14
C THR D 178 -32.71 -26.53 16.78
N GLY D 179 -32.20 -25.31 16.58
CA GLY D 179 -31.62 -24.91 15.30
C GLY D 179 -32.62 -24.37 14.31
N GLN D 180 -33.85 -24.10 14.74
CA GLN D 180 -34.93 -23.63 13.88
C GLN D 180 -35.24 -22.17 14.17
N GLN D 181 -35.88 -21.51 13.21
CA GLN D 181 -36.33 -20.13 13.39
C GLN D 181 -37.62 -20.12 14.21
N THR D 182 -37.59 -19.39 15.32
CA THR D 182 -38.80 -19.22 16.13
C THR D 182 -39.82 -18.36 15.40
N THR D 183 -39.36 -17.26 14.81
CA THR D 183 -40.22 -16.35 14.07
C THR D 183 -39.39 -15.67 12.98
N THR D 184 -40.01 -14.70 12.30
CA THR D 184 -39.37 -13.96 11.22
C THR D 184 -39.90 -12.54 11.22
N PHE D 185 -39.08 -11.61 10.73
CA PHE D 185 -39.38 -10.19 10.70
C PHE D 185 -39.23 -9.70 9.27
N THR D 186 -40.36 -9.39 8.62
CA THR D 186 -40.40 -9.09 7.20
C THR D 186 -41.05 -7.72 7.00
N GLY D 187 -40.23 -6.68 6.89
CA GLY D 187 -40.76 -5.34 6.69
C GLY D 187 -39.90 -4.45 5.81
N HIS D 188 -38.64 -4.84 5.60
CA HIS D 188 -37.70 -4.01 4.85
C HIS D 188 -37.83 -4.26 3.36
N THR D 189 -37.33 -3.31 2.57
CA THR D 189 -37.30 -3.39 1.11
C THR D 189 -35.88 -3.22 0.56
N GLY D 190 -34.88 -3.51 1.40
CA GLY D 190 -33.48 -3.43 1.00
C GLY D 190 -32.65 -4.28 1.94
N ASP D 191 -31.34 -4.31 1.68
CA ASP D 191 -30.40 -5.04 2.53
C ASP D 191 -30.46 -4.46 3.94
N VAL D 192 -30.47 -5.34 4.95
CA VAL D 192 -30.54 -4.90 6.34
C VAL D 192 -29.12 -4.97 6.89
N MET D 193 -28.58 -3.81 7.29
CA MET D 193 -27.16 -3.70 7.56
C MET D 193 -26.80 -4.08 9.00
N SER D 194 -27.47 -3.47 9.98
CA SER D 194 -27.14 -3.75 11.37
C SER D 194 -28.36 -3.56 12.25
N LEU D 195 -28.26 -4.06 13.48
CA LEU D 195 -29.32 -3.99 14.46
C LEU D 195 -28.71 -3.75 15.84
N SER D 196 -29.55 -3.37 16.78
CA SER D 196 -29.13 -3.10 18.14
C SER D 196 -30.23 -3.51 19.10
N LEU D 197 -29.85 -4.17 20.19
CA LEU D 197 -30.79 -4.67 21.18
C LEU D 197 -30.93 -3.65 22.31
N ALA D 198 -32.16 -3.46 22.77
CA ALA D 198 -32.43 -2.66 23.94
C ALA D 198 -31.84 -3.34 25.18
N PRO D 199 -31.44 -2.57 26.22
CA PRO D 199 -30.97 -3.17 27.48
C PRO D 199 -31.89 -4.21 28.12
N ASP D 200 -33.21 -4.02 28.04
CA ASP D 200 -34.15 -4.98 28.63
C ASP D 200 -34.44 -6.17 27.71
N THR D 201 -33.80 -6.21 26.53
CA THR D 201 -33.94 -7.27 25.50
C THR D 201 -35.39 -7.53 25.10
N ARG D 202 -36.23 -6.49 25.16
CA ARG D 202 -37.64 -6.60 24.86
C ARG D 202 -37.94 -6.15 23.43
N LEU D 203 -37.36 -5.02 23.02
CA LEU D 203 -37.51 -4.46 21.69
C LEU D 203 -36.13 -4.37 21.04
N PHE D 204 -36.10 -4.21 19.71
CA PHE D 204 -34.85 -3.92 19.03
C PHE D 204 -35.13 -3.14 17.75
N VAL D 205 -34.09 -2.51 17.23
CA VAL D 205 -34.20 -1.69 16.02
C VAL D 205 -33.40 -2.35 14.90
N SER D 206 -33.82 -2.10 13.66
CA SER D 206 -33.12 -2.59 12.49
C SER D 206 -32.99 -1.47 11.46
N GLY D 207 -31.78 -1.28 10.94
CA GLY D 207 -31.49 -0.27 9.95
C GLY D 207 -31.13 -0.92 8.61
N ALA D 208 -31.81 -0.49 7.55
CA ALA D 208 -31.67 -1.11 6.25
C ALA D 208 -31.20 -0.10 5.21
N CYS D 209 -31.06 -0.58 3.97
CA CYS D 209 -30.60 0.20 2.82
C CYS D 209 -31.76 0.85 2.07
N ASP D 210 -32.84 1.19 2.76
CA ASP D 210 -33.94 1.96 2.19
C ASP D 210 -34.15 3.26 2.97
N ALA D 211 -33.19 3.61 3.84
CA ALA D 211 -33.14 4.84 4.66
C ALA D 211 -34.20 4.83 5.77
N SER D 212 -34.75 3.66 6.09
CA SER D 212 -35.73 3.52 7.15
C SER D 212 -35.19 2.64 8.28
N ALA D 213 -35.65 2.90 9.50
CA ALA D 213 -35.34 2.09 10.66
C ALA D 213 -36.64 1.56 11.25
N LYS D 214 -36.69 0.26 11.52
CA LYS D 214 -37.89 -0.40 12.02
C LYS D 214 -37.69 -0.84 13.47
N LEU D 215 -38.64 -0.47 14.33
CA LEU D 215 -38.64 -0.92 15.71
C LEU D 215 -39.49 -2.18 15.83
N TRP D 216 -38.85 -3.30 16.19
CA TRP D 216 -39.47 -4.61 16.26
C TRP D 216 -39.70 -5.01 17.72
N ASP D 217 -40.84 -5.69 17.94
CA ASP D 217 -41.14 -6.38 19.19
C ASP D 217 -40.69 -7.84 19.03
N VAL D 218 -39.72 -8.25 19.85
CA VAL D 218 -39.14 -9.60 19.79
C VAL D 218 -40.22 -10.66 20.04
N ARG D 219 -41.04 -10.45 21.08
CA ARG D 219 -41.98 -11.49 21.50
C ARG D 219 -43.21 -11.56 20.61
N GLU D 220 -43.68 -10.41 20.11
CA GLU D 220 -44.92 -10.39 19.34
C GLU D 220 -44.67 -10.84 17.91
N GLY D 221 -43.64 -10.29 17.26
CA GLY D 221 -43.31 -10.62 15.89
C GLY D 221 -43.74 -9.59 14.87
N MET D 222 -44.07 -8.38 15.33
CA MET D 222 -44.52 -7.29 14.48
C MET D 222 -43.64 -6.07 14.73
N CYS D 223 -43.59 -5.17 13.73
CA CYS D 223 -42.92 -3.90 13.90
C CYS D 223 -43.92 -2.86 14.41
N ARG D 224 -43.42 -1.90 15.18
CA ARG D 224 -44.26 -0.88 15.79
C ARG D 224 -44.10 0.49 15.13
N GLN D 225 -42.87 0.87 14.81
CA GLN D 225 -42.56 2.22 14.35
C GLN D 225 -41.60 2.14 13.16
N THR D 226 -41.74 3.12 12.26
CA THR D 226 -40.87 3.27 11.11
C THR D 226 -40.33 4.70 11.09
N PHE D 227 -39.01 4.84 11.18
CA PHE D 227 -38.34 6.13 11.22
C PHE D 227 -37.59 6.37 9.91
N THR D 228 -38.00 7.41 9.18
CA THR D 228 -37.45 7.74 7.88
C THR D 228 -36.91 9.17 7.91
N GLY D 229 -35.75 9.35 8.53
CA GLY D 229 -35.14 10.67 8.57
C GLY D 229 -33.88 10.79 7.73
N HIS D 230 -33.43 9.69 7.11
CA HIS D 230 -32.18 9.67 6.38
C HIS D 230 -32.40 9.79 4.88
N GLU D 231 -31.29 10.06 4.17
CA GLU D 231 -31.29 10.23 2.73
C GLU D 231 -30.66 9.05 1.99
N SER D 232 -29.83 8.25 2.68
CA SER D 232 -29.13 7.14 2.04
C SER D 232 -29.17 5.93 2.98
N ASP D 233 -28.33 4.93 2.68
CA ASP D 233 -28.34 3.65 3.39
C ASP D 233 -27.83 3.82 4.81
N ILE D 234 -28.54 3.21 5.77
CA ILE D 234 -28.18 3.26 7.17
C ILE D 234 -27.24 2.09 7.48
N ASN D 235 -26.03 2.41 7.93
CA ASN D 235 -25.02 1.40 8.22
C ASN D 235 -25.02 1.03 9.71
N ALA D 236 -24.96 2.03 10.58
CA ALA D 236 -24.84 1.83 12.02
C ALA D 236 -26.12 2.23 12.74
N ILE D 237 -26.38 1.55 13.86
CA ILE D 237 -27.53 1.84 14.70
C ILE D 237 -27.21 1.39 16.12
N CYS D 238 -27.48 2.26 17.11
CA CYS D 238 -27.09 2.01 18.49
C CYS D 238 -28.08 2.67 19.45
N PHE D 239 -28.58 1.90 20.42
CA PHE D 239 -29.50 2.41 21.43
C PHE D 239 -28.81 3.32 22.44
N PHE D 240 -29.50 4.42 22.78
CA PHE D 240 -29.12 5.29 23.87
C PHE D 240 -29.25 4.49 25.18
N PRO D 241 -28.31 4.65 26.15
CA PRO D 241 -28.28 3.79 27.33
C PRO D 241 -29.53 3.60 28.19
N ASN D 242 -30.57 4.43 28.03
CA ASN D 242 -31.80 4.24 28.79
C ASN D 242 -32.85 3.43 28.01
N GLY D 243 -32.58 3.14 26.73
CA GLY D 243 -33.46 2.30 25.93
C GLY D 243 -34.63 3.04 25.29
N ASN D 244 -34.67 4.37 25.38
CA ASN D 244 -35.80 5.15 24.86
C ASN D 244 -35.40 6.08 23.73
N ALA D 245 -34.20 5.93 23.17
CA ALA D 245 -33.74 6.72 22.03
C ALA D 245 -32.63 5.94 21.35
N PHE D 246 -32.33 6.30 20.10
CA PHE D 246 -31.24 5.63 19.41
C PHE D 246 -30.69 6.52 18.30
N ALA D 247 -29.40 6.33 17.99
CA ALA D 247 -28.72 7.11 16.98
C ALA D 247 -28.36 6.22 15.80
N THR D 248 -28.53 6.76 14.59
CA THR D 248 -28.26 6.07 13.34
C THR D 248 -27.19 6.81 12.56
N GLY D 249 -26.39 6.05 11.82
CA GLY D 249 -25.32 6.59 10.99
C GLY D 249 -25.46 6.12 9.56
N SER D 250 -25.72 7.04 8.64
CA SER D 250 -25.96 6.70 7.24
C SER D 250 -24.77 7.09 6.38
N ASP D 251 -24.88 6.76 5.08
CA ASP D 251 -23.88 7.12 4.08
C ASP D 251 -23.94 8.59 3.67
N ASP D 252 -25.02 9.29 4.04
CA ASP D 252 -25.21 10.71 3.69
C ASP D 252 -24.24 11.63 4.42
N ALA D 253 -23.47 11.08 5.38
CA ALA D 253 -22.44 11.69 6.25
C ALA D 253 -23.05 12.33 7.50
N THR D 254 -24.37 12.27 7.69
CA THR D 254 -24.99 12.80 8.89
C THR D 254 -25.39 11.68 9.83
N CYS D 255 -25.27 11.93 11.13
CA CYS D 255 -25.81 11.08 12.17
C CYS D 255 -27.13 11.68 12.61
N ARG D 256 -28.05 10.84 13.07
CA ARG D 256 -29.33 11.36 13.53
C ARG D 256 -29.72 10.65 14.83
N LEU D 257 -30.40 11.40 15.70
CA LEU D 257 -30.84 10.87 16.98
C LEU D 257 -32.35 10.84 16.95
N PHE D 258 -32.91 9.63 17.10
CA PHE D 258 -34.34 9.41 17.04
C PHE D 258 -34.85 9.11 18.45
N ASP D 259 -36.16 9.20 18.59
CA ASP D 259 -36.85 8.96 19.84
C ASP D 259 -37.98 7.97 19.59
N LEU D 260 -38.26 7.14 20.59
CA LEU D 260 -39.28 6.11 20.48
C LEU D 260 -40.65 6.62 20.92
N ARG D 261 -40.70 7.74 21.66
CA ARG D 261 -41.95 8.30 22.15
C ARG D 261 -42.37 9.56 21.39
N ALA D 262 -41.41 10.39 20.95
CA ALA D 262 -41.74 11.52 20.10
C ALA D 262 -41.93 11.11 18.65
N ASP D 263 -41.51 9.88 18.31
CA ASP D 263 -41.71 9.23 17.00
C ASP D 263 -41.14 10.07 15.85
N GLN D 264 -40.00 10.72 16.09
CA GLN D 264 -39.32 11.53 15.07
C GLN D 264 -37.90 11.81 15.53
N GLU D 265 -37.16 12.56 14.71
CA GLU D 265 -35.77 12.90 15.02
C GLU D 265 -35.73 14.05 16.02
N LEU D 266 -34.73 14.01 16.90
CA LEU D 266 -34.50 15.08 17.87
C LEU D 266 -33.37 16.01 17.45
N MET D 267 -32.33 15.47 16.82
CA MET D 267 -31.15 16.25 16.46
C MET D 267 -30.42 15.54 15.34
N THR D 268 -29.67 16.33 14.55
CA THR D 268 -28.85 15.85 13.45
C THR D 268 -27.42 16.32 13.66
N TYR D 269 -26.47 15.42 13.42
CA TYR D 269 -25.05 15.67 13.62
C TYR D 269 -24.39 15.72 12.25
N SER D 270 -23.95 16.91 11.85
CA SER D 270 -23.33 17.11 10.55
C SER D 270 -22.31 18.23 10.65
N HIS D 271 -21.27 18.13 9.83
CA HIS D 271 -20.22 19.13 9.76
C HIS D 271 -19.86 19.31 8.30
N ASP D 272 -19.63 20.56 7.90
CA ASP D 272 -19.47 20.91 6.49
C ASP D 272 -18.18 20.36 5.89
N ASN D 273 -17.18 20.08 6.72
CA ASN D 273 -15.90 19.54 6.27
C ASN D 273 -15.90 18.02 6.20
N ILE D 274 -17.04 17.38 6.45
CA ILE D 274 -17.15 15.92 6.45
C ILE D 274 -18.14 15.51 5.36
N ILE D 275 -17.64 14.82 4.33
CA ILE D 275 -18.47 14.29 3.25
C ILE D 275 -18.35 12.77 3.14
N CYS D 276 -17.75 12.13 4.13
CA CYS D 276 -17.50 10.69 4.09
C CYS D 276 -18.58 9.91 4.86
N GLY D 277 -18.76 8.65 4.48
CA GLY D 277 -19.79 7.82 5.06
C GLY D 277 -19.47 7.38 6.47
N ILE D 278 -20.51 6.95 7.18
CA ILE D 278 -20.44 6.52 8.57
C ILE D 278 -20.48 4.99 8.60
N THR D 279 -19.52 4.38 9.31
CA THR D 279 -19.43 2.93 9.30
C THR D 279 -19.80 2.28 10.63
N SER D 280 -19.73 3.03 11.74
CA SER D 280 -20.09 2.50 13.05
C SER D 280 -20.32 3.65 14.02
N VAL D 281 -21.36 3.54 14.84
CA VAL D 281 -21.61 4.46 15.94
C VAL D 281 -21.77 3.64 17.22
N SER D 282 -21.56 4.32 18.36
CA SER D 282 -21.80 3.76 19.68
C SER D 282 -21.80 4.87 20.74
N PHE D 283 -22.81 4.89 21.60
CA PHE D 283 -22.85 5.82 22.71
C PHE D 283 -21.86 5.42 23.81
N SER D 284 -21.57 6.36 24.70
CA SER D 284 -20.79 6.10 25.88
C SER D 284 -21.71 5.59 26.99
N LYS D 285 -21.14 5.39 28.19
CA LYS D 285 -21.88 4.80 29.30
C LYS D 285 -22.97 5.75 29.79
N SER D 286 -22.60 7.02 30.02
CA SER D 286 -23.59 8.01 30.46
C SER D 286 -24.53 8.40 29.32
N GLY D 287 -24.03 8.38 28.09
CA GLY D 287 -24.81 8.77 26.92
C GLY D 287 -24.52 10.17 26.44
N ARG D 288 -23.70 10.93 27.17
CA ARG D 288 -23.39 12.31 26.80
C ARG D 288 -22.52 12.38 25.55
N LEU D 289 -21.61 11.43 25.39
CA LEU D 289 -20.78 11.36 24.19
C LEU D 289 -21.35 10.36 23.20
N LEU D 290 -21.26 10.69 21.90
CA LEU D 290 -21.59 9.77 20.83
C LEU D 290 -20.36 9.63 19.94
N LEU D 291 -19.86 8.42 19.81
CA LEU D 291 -18.68 8.12 19.02
C LEU D 291 -19.13 7.65 17.65
N ALA D 292 -18.61 8.28 16.59
CA ALA D 292 -18.97 7.88 15.24
C ALA D 292 -17.70 7.63 14.44
N GLY D 293 -17.58 6.43 13.87
CA GLY D 293 -16.45 6.10 13.03
C GLY D 293 -16.73 6.44 11.59
N TYR D 294 -15.90 7.31 11.00
CA TYR D 294 -16.15 7.78 9.65
C TYR D 294 -15.23 7.07 8.65
N ASP D 295 -15.55 7.27 7.38
CA ASP D 295 -14.85 6.67 6.26
C ASP D 295 -13.50 7.33 5.99
N ASP D 296 -13.24 8.51 6.57
CA ASP D 296 -12.01 9.28 6.29
C ASP D 296 -10.94 9.01 7.36
N PHE D 297 -10.87 7.76 7.82
CA PHE D 297 -9.77 7.18 8.58
C PHE D 297 -9.63 7.78 9.99
N ASN D 298 -10.74 8.22 10.59
CA ASN D 298 -10.72 8.68 11.98
C ASN D 298 -12.14 8.62 12.55
N CYS D 299 -12.23 8.73 13.88
CA CYS D 299 -13.50 8.65 14.60
C CYS D 299 -13.79 9.96 15.32
N ASN D 300 -14.94 10.57 15.04
CA ASN D 300 -15.29 11.84 15.66
C ASN D 300 -16.14 11.62 16.91
N VAL D 301 -15.75 12.31 17.98
CA VAL D 301 -16.40 12.22 19.28
C VAL D 301 -17.37 13.40 19.37
N TRP D 302 -18.63 13.14 19.04
CA TRP D 302 -19.69 14.15 19.02
C TRP D 302 -20.29 14.35 20.41
N ASP D 303 -20.62 15.60 20.72
CA ASP D 303 -21.38 15.94 21.92
C ASP D 303 -22.85 15.65 21.63
N ALA D 304 -23.40 14.59 22.24
CA ALA D 304 -24.71 14.06 21.89
C ALA D 304 -25.88 14.94 22.35
N LEU D 305 -25.63 16.05 23.04
CA LEU D 305 -26.72 16.97 23.42
C LEU D 305 -26.50 18.39 22.91
N LYS D 306 -25.41 18.65 22.19
CA LYS D 306 -25.12 19.98 21.67
C LYS D 306 -24.80 20.00 20.17
N ALA D 307 -24.49 18.84 19.57
CA ALA D 307 -24.15 18.68 18.16
C ALA D 307 -22.90 19.49 17.80
N ASP D 308 -21.87 19.32 18.60
CA ASP D 308 -20.55 19.91 18.38
C ASP D 308 -19.53 18.80 18.58
N ARG D 309 -18.38 18.90 17.92
CA ARG D 309 -17.37 17.86 18.02
C ARG D 309 -16.57 18.06 19.31
N ALA D 310 -16.70 17.12 20.24
CA ALA D 310 -15.88 17.12 21.44
C ALA D 310 -14.43 16.81 21.08
N GLY D 311 -14.21 15.88 20.16
CA GLY D 311 -12.84 15.56 19.80
C GLY D 311 -12.74 14.62 18.61
N VAL D 312 -11.53 14.13 18.37
CA VAL D 312 -11.24 13.30 17.20
C VAL D 312 -10.23 12.22 17.58
N LEU D 313 -10.46 11.01 17.09
CA LEU D 313 -9.61 9.85 17.27
C LEU D 313 -8.96 9.55 15.91
N ALA D 314 -7.84 10.23 15.64
CA ALA D 314 -7.13 10.08 14.38
C ALA D 314 -5.93 9.16 14.55
N GLY D 315 -6.21 7.87 14.79
CA GLY D 315 -5.15 6.89 14.93
C GLY D 315 -5.04 5.89 13.79
N HIS D 316 -6.12 5.69 13.03
CA HIS D 316 -6.16 4.65 12.01
C HIS D 316 -5.65 5.17 10.67
N ASP D 317 -5.06 4.26 9.89
CA ASP D 317 -4.51 4.58 8.58
C ASP D 317 -5.41 4.05 7.45
N ASN D 318 -6.53 3.41 7.79
CA ASN D 318 -7.46 2.91 6.78
C ASN D 318 -8.85 2.95 7.39
N ARG D 319 -9.86 2.68 6.56
CA ARG D 319 -11.28 2.77 6.90
C ARG D 319 -11.61 2.09 8.22
N VAL D 320 -12.14 2.86 9.17
CA VAL D 320 -12.63 2.34 10.43
C VAL D 320 -13.88 1.51 10.15
N SER D 321 -13.84 0.23 10.51
CA SER D 321 -14.93 -0.69 10.18
C SER D 321 -15.85 -0.97 11.37
N CYS D 322 -15.29 -1.05 12.58
CA CYS D 322 -16.08 -1.39 13.75
C CYS D 322 -15.63 -0.57 14.95
N LEU D 323 -16.58 -0.28 15.84
CA LEU D 323 -16.32 0.50 17.04
C LEU D 323 -17.13 -0.10 18.19
N GLY D 324 -16.48 -0.29 19.34
CA GLY D 324 -17.13 -0.84 20.51
C GLY D 324 -16.78 -0.10 21.79
N VAL D 325 -17.76 0.06 22.66
CA VAL D 325 -17.58 0.68 23.98
C VAL D 325 -17.88 -0.39 25.02
N THR D 326 -17.03 -0.46 26.05
CA THR D 326 -17.20 -1.42 27.13
C THR D 326 -18.49 -1.15 27.91
N ASP D 327 -18.96 -2.17 28.63
CA ASP D 327 -20.18 -2.04 29.42
C ASP D 327 -20.00 -1.12 30.62
N ASP D 328 -18.76 -0.94 31.08
CA ASP D 328 -18.47 -0.03 32.19
C ASP D 328 -17.85 1.27 31.70
N GLY D 329 -17.77 1.48 30.39
CA GLY D 329 -17.33 2.72 29.80
C GLY D 329 -15.85 3.02 29.96
N MET D 330 -15.05 2.04 30.38
CA MET D 330 -13.65 2.30 30.73
C MET D 330 -12.78 2.49 29.51
N ALA D 331 -13.11 1.86 28.38
CA ALA D 331 -12.31 2.00 27.16
C ALA D 331 -13.19 1.91 25.93
N VAL D 332 -12.62 2.34 24.80
CA VAL D 332 -13.27 2.29 23.50
C VAL D 332 -12.31 1.64 22.51
N ALA D 333 -12.74 0.52 21.91
CA ALA D 333 -11.89 -0.20 20.97
C ALA D 333 -12.41 -0.02 19.57
N THR D 334 -11.53 0.33 18.64
CA THR D 334 -11.87 0.54 17.25
C THR D 334 -11.04 -0.39 16.36
N GLY D 335 -11.69 -0.94 15.35
CA GLY D 335 -11.03 -1.83 14.40
C GLY D 335 -11.22 -1.32 12.99
N SER D 336 -10.16 -1.39 12.20
CA SER D 336 -10.14 -0.81 10.87
C SER D 336 -9.53 -1.80 9.89
N TRP D 337 -9.47 -1.40 8.62
CA TRP D 337 -9.00 -2.28 7.54
C TRP D 337 -7.48 -2.31 7.41
N ASP D 338 -6.75 -1.67 8.32
CA ASP D 338 -5.30 -1.82 8.38
C ASP D 338 -4.88 -2.99 9.27
N SER D 339 -5.86 -3.80 9.71
CA SER D 339 -5.71 -5.03 10.52
C SER D 339 -5.24 -4.74 11.94
N PHE D 340 -5.48 -3.54 12.47
CA PHE D 340 -5.11 -3.21 13.84
C PHE D 340 -6.37 -2.86 14.65
N LEU D 341 -6.30 -3.18 15.95
CA LEU D 341 -7.30 -2.77 16.94
C LEU D 341 -6.68 -1.75 17.88
N LYS D 342 -7.17 -0.51 17.84
CA LYS D 342 -6.72 0.53 18.74
C LYS D 342 -7.69 0.59 19.93
N ILE D 343 -7.17 0.44 21.14
CA ILE D 343 -7.96 0.63 22.35
C ILE D 343 -7.64 2.02 22.90
N TRP D 344 -8.58 2.94 22.72
CA TRP D 344 -8.50 4.30 23.19
C TRP D 344 -9.01 4.36 24.63
N ASN D 345 -8.30 5.11 25.47
CA ASN D 345 -8.60 5.25 26.90
C ASN D 345 -10.01 5.82 27.11
N THR E 6 -53.49 -10.55 -7.31
CA THR E 6 -53.97 -9.87 -6.09
C THR E 6 -52.86 -9.77 -5.03
N ALA E 7 -51.62 -10.09 -5.44
CA ALA E 7 -50.50 -10.05 -4.52
C ALA E 7 -50.07 -8.61 -4.23
N SER E 8 -50.06 -7.77 -5.27
CA SER E 8 -49.65 -6.37 -5.11
C SER E 8 -50.68 -5.58 -4.31
N ILE E 9 -51.97 -5.91 -4.46
CA ILE E 9 -52.99 -5.22 -3.67
C ILE E 9 -52.99 -5.75 -2.25
N ALA E 10 -52.59 -7.01 -2.04
CA ALA E 10 -52.38 -7.55 -0.70
C ALA E 10 -51.23 -6.81 -0.01
N GLN E 11 -50.15 -6.55 -0.75
CA GLN E 11 -49.01 -5.80 -0.22
C GLN E 11 -49.40 -4.37 0.11
N ALA E 12 -50.21 -3.75 -0.76
CA ALA E 12 -50.73 -2.41 -0.51
C ALA E 12 -51.62 -2.38 0.74
N ARG E 13 -52.47 -3.40 0.91
CA ARG E 13 -53.31 -3.51 2.11
C ARG E 13 -52.45 -3.68 3.37
N LYS E 14 -51.38 -4.47 3.28
CA LYS E 14 -50.47 -4.65 4.41
C LYS E 14 -49.78 -3.33 4.76
N LEU E 15 -49.42 -2.53 3.74
CA LEU E 15 -48.82 -1.22 3.98
C LEU E 15 -49.83 -0.27 4.63
N VAL E 16 -51.09 -0.32 4.19
CA VAL E 16 -52.16 0.49 4.76
C VAL E 16 -52.37 0.13 6.24
N GLU E 17 -52.42 -1.17 6.54
CA GLU E 17 -52.59 -1.63 7.92
C GLU E 17 -51.39 -1.29 8.78
N GLN E 18 -50.18 -1.31 8.19
CA GLN E 18 -48.97 -0.92 8.90
C GLN E 18 -49.00 0.57 9.25
N LEU E 19 -49.44 1.41 8.30
CA LEU E 19 -49.58 2.84 8.56
C LEU E 19 -50.67 3.13 9.60
N LYS E 20 -51.72 2.31 9.62
CA LYS E 20 -52.77 2.47 10.62
C LYS E 20 -52.25 2.11 12.01
N MET E 21 -51.44 1.04 12.10
CA MET E 21 -50.81 0.67 13.37
C MET E 21 -49.82 1.74 13.84
N GLU E 22 -49.06 2.33 12.91
CA GLU E 22 -48.03 3.31 13.27
C GLU E 22 -48.64 4.66 13.65
N ALA E 23 -49.77 5.04 13.03
CA ALA E 23 -50.43 6.30 13.35
C ALA E 23 -51.02 6.28 14.76
N ASN E 24 -51.75 5.21 15.10
CA ASN E 24 -52.48 5.10 16.36
C ASN E 24 -51.54 4.66 17.49
N ILE E 25 -50.62 5.55 17.86
CA ILE E 25 -49.71 5.34 18.97
C ILE E 25 -49.74 6.54 19.90
N ASP E 26 -49.14 6.39 21.08
CA ASP E 26 -48.99 7.47 22.03
C ASP E 26 -47.77 8.31 21.66
N ARG E 27 -47.95 9.63 21.62
CA ARG E 27 -46.87 10.56 21.30
C ARG E 27 -46.68 11.55 22.45
N ILE E 28 -45.48 11.56 22.99
CA ILE E 28 -45.08 12.43 24.09
C ILE E 28 -44.44 13.68 23.50
N LYS E 29 -44.70 14.83 24.15
CA LYS E 29 -44.13 16.11 23.76
C LYS E 29 -42.60 16.04 23.69
N VAL E 30 -42.04 16.74 22.70
CA VAL E 30 -40.61 16.68 22.40
C VAL E 30 -39.80 17.26 23.56
N SER E 31 -40.27 18.37 24.12
CA SER E 31 -39.58 19.03 25.23
C SER E 31 -39.55 18.14 26.48
N LYS E 32 -40.58 17.32 26.67
CA LYS E 32 -40.65 16.46 27.85
C LYS E 32 -39.64 15.31 27.75
N ALA E 33 -39.70 14.56 26.65
CA ALA E 33 -38.78 13.43 26.44
C ALA E 33 -37.33 13.93 26.32
N ALA E 34 -37.12 15.10 25.72
CA ALA E 34 -35.79 15.66 25.57
C ALA E 34 -35.30 16.31 26.86
N ALA E 35 -36.18 16.54 27.82
CA ALA E 35 -35.77 16.94 29.16
C ALA E 35 -35.47 15.71 30.03
N ASP E 36 -36.20 14.62 29.78
CA ASP E 36 -35.89 13.33 30.40
C ASP E 36 -34.50 12.85 30.01
N LEU E 37 -34.10 13.09 28.75
CA LEU E 37 -32.74 12.72 28.32
C LEU E 37 -31.68 13.55 29.05
N MET E 38 -31.98 14.84 29.31
CA MET E 38 -31.04 15.69 30.04
C MET E 38 -30.96 15.26 31.51
N ALA E 39 -32.10 14.90 32.10
CA ALA E 39 -32.14 14.36 33.46
C ALA E 39 -31.30 13.08 33.56
N TYR E 40 -31.38 12.22 32.55
CA TYR E 40 -30.61 10.98 32.54
C TYR E 40 -29.12 11.26 32.44
N CYS E 41 -28.72 12.11 31.49
CA CYS E 41 -27.30 12.43 31.30
C CYS E 41 -26.72 13.17 32.51
N GLU E 42 -27.54 14.01 33.17
CA GLU E 42 -27.12 14.69 34.38
C GLU E 42 -26.90 13.71 35.53
N ALA E 43 -27.91 12.86 35.80
CA ALA E 43 -27.89 11.91 36.91
C ALA E 43 -26.70 10.95 36.82
N HIS E 44 -26.34 10.52 35.62
CA HIS E 44 -25.28 9.53 35.41
C HIS E 44 -23.98 10.18 34.91
N ALA E 45 -23.77 11.44 35.26
CA ALA E 45 -22.56 12.17 34.85
C ALA E 45 -21.32 11.61 35.52
N LYS E 46 -21.34 11.52 36.86
CA LYS E 46 -20.15 11.18 37.66
C LYS E 46 -19.60 9.80 37.34
N GLU E 47 -20.48 8.83 37.08
CA GLU E 47 -20.05 7.44 36.90
C GLU E 47 -19.34 7.21 35.56
N ASP E 48 -19.46 8.15 34.61
CA ASP E 48 -18.90 7.99 33.27
C ASP E 48 -17.37 8.08 33.34
N PRO E 49 -16.63 7.12 32.76
CA PRO E 49 -15.17 7.21 32.74
C PRO E 49 -14.53 7.87 31.52
N LEU E 50 -15.31 8.27 30.52
CA LEU E 50 -14.79 8.94 29.33
C LEU E 50 -14.94 10.46 29.44
N LEU E 51 -16.08 10.90 29.98
CA LEU E 51 -16.31 12.32 30.27
C LEU E 51 -15.29 12.83 31.28
N THR E 52 -15.16 12.12 32.41
CA THR E 52 -14.18 12.46 33.44
C THR E 52 -12.98 11.51 33.34
N PRO E 53 -11.76 12.03 33.11
CA PRO E 53 -10.58 11.15 33.11
C PRO E 53 -10.24 10.66 34.52
N VAL E 54 -9.88 9.38 34.59
CA VAL E 54 -9.69 8.68 35.86
C VAL E 54 -8.19 8.57 36.12
N PRO E 55 -7.72 8.76 37.38
CA PRO E 55 -6.31 8.52 37.70
C PRO E 55 -5.83 7.10 37.38
N ALA E 56 -4.53 6.99 37.07
CA ALA E 56 -3.91 5.77 36.55
C ALA E 56 -3.93 4.62 37.57
N SER E 57 -4.16 4.89 38.85
CA SER E 57 -4.20 3.84 39.85
C SER E 57 -5.49 3.03 39.77
N GLU E 58 -6.53 3.58 39.15
CA GLU E 58 -7.84 2.96 39.01
C GLU E 58 -8.07 2.44 37.59
N ASN E 59 -7.57 3.18 36.60
CA ASN E 59 -7.70 2.85 35.19
C ASN E 59 -6.81 1.65 34.86
N PRO E 60 -7.38 0.46 34.57
CA PRO E 60 -6.57 -0.75 34.38
C PRO E 60 -5.71 -0.79 33.12
N PHE E 61 -5.80 0.21 32.24
CA PHE E 61 -5.02 0.20 31.00
C PHE E 61 -3.73 1.01 31.12
N ARG E 62 -3.44 1.57 32.29
CA ARG E 62 -2.22 2.32 32.50
C ARG E 62 -1.36 1.66 33.57
N GLN F 1 -37.49 12.10 4.20
CA GLN F 1 -37.97 10.96 3.40
C GLN F 1 -37.69 11.19 1.90
N VAL F 2 -36.85 10.33 1.34
CA VAL F 2 -36.56 10.35 -0.10
C VAL F 2 -37.82 9.96 -0.87
N GLN F 3 -38.35 10.89 -1.66
CA GLN F 3 -39.48 10.61 -2.53
C GLN F 3 -39.28 11.28 -3.88
N LEU F 4 -39.62 10.54 -4.94
CA LEU F 4 -39.50 10.99 -6.31
C LEU F 4 -40.88 10.89 -6.96
N GLN F 5 -41.27 11.96 -7.67
CA GLN F 5 -42.59 12.05 -8.29
C GLN F 5 -42.41 12.40 -9.77
N GLU F 6 -42.54 11.39 -10.64
CA GLU F 6 -42.52 11.63 -12.07
C GLU F 6 -43.74 12.43 -12.50
N SER F 7 -43.57 13.20 -13.57
CA SER F 7 -44.61 14.06 -14.11
C SER F 7 -44.46 14.08 -15.62
N GLY F 8 -45.60 14.13 -16.32
CA GLY F 8 -45.62 14.06 -17.76
C GLY F 8 -45.77 12.63 -18.27
N GLY F 9 -46.00 12.52 -19.57
CA GLY F 9 -46.20 11.23 -20.20
C GLY F 9 -47.37 11.26 -21.16
N GLY F 10 -48.09 10.15 -21.25
CA GLY F 10 -49.32 10.09 -22.02
C GLY F 10 -49.13 9.44 -23.38
N LEU F 11 -50.25 9.26 -24.07
CA LEU F 11 -50.27 8.66 -25.39
C LEU F 11 -49.83 9.71 -26.42
N VAL F 12 -48.76 9.39 -27.16
CA VAL F 12 -48.22 10.27 -28.18
C VAL F 12 -48.08 9.49 -29.50
N GLN F 13 -47.97 10.26 -30.58
CA GLN F 13 -47.80 9.80 -31.95
C GLN F 13 -46.30 9.76 -32.27
N PRO F 14 -45.85 8.88 -33.18
CA PRO F 14 -44.43 8.83 -33.51
C PRO F 14 -43.96 10.09 -34.25
N GLY F 15 -42.64 10.28 -34.31
CA GLY F 15 -42.03 11.50 -34.81
C GLY F 15 -42.26 12.76 -33.99
N GLY F 16 -43.07 12.69 -32.93
CA GLY F 16 -43.40 13.83 -32.10
C GLY F 16 -42.33 14.11 -31.05
N SER F 17 -42.72 14.92 -30.07
CA SER F 17 -41.82 15.34 -29.00
C SER F 17 -42.62 15.44 -27.70
N LEU F 18 -41.93 15.18 -26.58
CA LEU F 18 -42.57 15.11 -25.28
C LEU F 18 -41.52 15.37 -24.20
N ARG F 19 -41.94 16.01 -23.11
CA ARG F 19 -41.04 16.29 -22.01
C ARG F 19 -41.54 15.60 -20.75
N LEU F 20 -40.59 15.26 -19.88
CA LEU F 20 -40.85 14.62 -18.61
C LEU F 20 -40.21 15.45 -17.50
N SER F 21 -40.72 15.28 -16.29
CA SER F 21 -40.18 15.95 -15.13
C SER F 21 -40.13 14.96 -13.96
N CYS F 22 -39.22 15.23 -13.03
CA CYS F 22 -39.05 14.43 -11.83
C CYS F 22 -38.90 15.36 -10.64
N ALA F 23 -39.94 15.48 -9.84
CA ALA F 23 -39.91 16.24 -8.59
C ALA F 23 -39.18 15.42 -7.53
N ALA F 24 -38.02 15.93 -7.09
CA ALA F 24 -37.16 15.25 -6.13
C ALA F 24 -37.31 15.92 -4.76
N SER F 25 -38.01 15.26 -3.84
CA SER F 25 -38.29 15.84 -2.54
C SER F 25 -37.68 14.99 -1.42
N GLY F 26 -37.12 15.67 -0.43
CA GLY F 26 -36.64 15.05 0.80
C GLY F 26 -35.16 14.74 0.85
N PHE F 27 -34.34 15.32 -0.04
CA PHE F 27 -32.90 15.10 -0.02
C PHE F 27 -32.19 16.24 -0.72
N THR F 28 -30.87 16.30 -0.53
CA THR F 28 -30.02 17.34 -1.09
C THR F 28 -29.72 17.00 -2.55
N PHE F 29 -30.63 17.45 -3.42
CA PHE F 29 -30.68 17.12 -4.84
C PHE F 29 -29.38 17.46 -5.58
N SER F 30 -28.71 18.54 -5.18
CA SER F 30 -27.52 19.01 -5.88
C SER F 30 -26.34 18.03 -5.77
N ASN F 31 -26.32 17.16 -4.76
CA ASN F 31 -25.16 16.31 -4.50
C ASN F 31 -25.31 14.89 -5.06
N TYR F 32 -26.39 14.58 -5.77
CA TYR F 32 -26.64 13.23 -6.25
C TYR F 32 -26.62 13.16 -7.77
N LYS F 33 -25.84 12.23 -8.30
CA LYS F 33 -25.92 11.84 -9.70
C LYS F 33 -27.25 11.12 -9.91
N MET F 34 -27.96 11.45 -10.99
CA MET F 34 -29.25 10.82 -11.23
C MET F 34 -29.32 10.32 -12.67
N ASN F 35 -30.36 9.53 -12.95
CA ASN F 35 -30.47 8.86 -14.23
C ASN F 35 -31.91 8.42 -14.49
N TRP F 36 -32.15 7.98 -15.72
CA TRP F 36 -33.44 7.47 -16.17
C TRP F 36 -33.31 5.98 -16.51
N VAL F 37 -34.27 5.19 -16.02
CA VAL F 37 -34.35 3.76 -16.29
C VAL F 37 -35.73 3.51 -16.90
N ARG F 38 -35.83 2.54 -17.80
CA ARG F 38 -37.12 2.20 -18.38
C ARG F 38 -37.37 0.70 -18.31
N GLN F 39 -38.65 0.36 -18.33
CA GLN F 39 -39.11 -1.02 -18.34
C GLN F 39 -40.04 -1.20 -19.53
N ALA F 40 -39.53 -1.88 -20.57
CA ALA F 40 -40.34 -2.25 -21.71
C ALA F 40 -41.36 -3.29 -21.29
N PRO F 41 -42.57 -3.28 -21.87
CA PRO F 41 -43.60 -4.27 -21.54
C PRO F 41 -43.14 -5.70 -21.78
N GLY F 42 -43.03 -6.48 -20.69
CA GLY F 42 -42.58 -7.85 -20.76
C GLY F 42 -41.07 -8.02 -20.75
N LYS F 43 -40.32 -6.96 -20.45
CA LYS F 43 -38.86 -7.00 -20.45
C LYS F 43 -38.34 -6.45 -19.11
N GLY F 44 -37.03 -6.63 -18.91
CA GLY F 44 -36.38 -6.15 -17.70
C GLY F 44 -36.00 -4.68 -17.79
N LEU F 45 -35.53 -4.15 -16.66
CA LEU F 45 -35.11 -2.76 -16.56
C LEU F 45 -33.83 -2.53 -17.37
N GLU F 46 -33.85 -1.51 -18.23
CA GLU F 46 -32.67 -1.15 -19.01
C GLU F 46 -32.37 0.34 -18.83
N TRP F 47 -31.07 0.64 -18.71
CA TRP F 47 -30.57 1.98 -18.48
C TRP F 47 -30.74 2.84 -19.74
N VAL F 48 -31.26 4.05 -19.57
CA VAL F 48 -31.49 4.95 -20.71
C VAL F 48 -30.38 6.00 -20.81
N SER F 49 -30.21 6.79 -19.75
CA SER F 49 -29.26 7.90 -19.76
C SER F 49 -29.00 8.32 -18.32
N ASP F 50 -28.00 9.20 -18.14
CA ASP F 50 -27.66 9.69 -16.82
C ASP F 50 -27.15 11.13 -16.89
N ILE F 51 -26.93 11.71 -15.71
CA ILE F 51 -26.39 13.06 -15.58
C ILE F 51 -25.72 13.20 -14.21
N SER F 52 -24.51 13.78 -14.21
CA SER F 52 -23.70 13.99 -13.02
C SER F 52 -24.30 15.09 -12.15
N GLN F 53 -23.61 15.40 -11.05
CA GLN F 53 -24.06 16.42 -10.10
C GLN F 53 -24.09 17.80 -10.74
N SER F 54 -22.94 18.22 -11.28
CA SER F 54 -22.81 19.55 -11.89
C SER F 54 -23.60 19.65 -13.19
N GLY F 55 -23.75 18.55 -13.91
CA GLY F 55 -24.42 18.53 -15.19
C GLY F 55 -23.49 18.53 -16.38
N ALA F 56 -22.17 18.50 -16.13
CA ALA F 56 -21.19 18.50 -17.21
C ALA F 56 -21.16 17.15 -17.92
N SER F 57 -21.07 16.06 -17.15
CA SER F 57 -20.90 14.73 -17.71
C SER F 57 -22.28 14.10 -17.96
N ILE F 58 -22.54 13.77 -19.23
CA ILE F 58 -23.81 13.20 -19.68
C ILE F 58 -23.49 12.00 -20.55
N SER F 59 -24.27 10.92 -20.41
CA SER F 59 -24.14 9.76 -21.28
C SER F 59 -25.51 9.16 -21.54
N TYR F 60 -25.63 8.49 -22.68
CA TYR F 60 -26.87 7.91 -23.17
C TYR F 60 -26.64 6.47 -23.58
N THR F 61 -27.69 5.65 -23.49
CA THR F 61 -27.70 4.35 -24.14
C THR F 61 -27.67 4.54 -25.65
N GLY F 62 -26.88 3.71 -26.33
CA GLY F 62 -26.66 3.77 -27.77
C GLY F 62 -27.89 3.89 -28.64
N SER F 63 -28.93 3.09 -28.35
CA SER F 63 -30.13 3.05 -29.17
C SER F 63 -30.93 4.36 -29.14
N VAL F 64 -30.69 5.22 -28.14
CA VAL F 64 -31.36 6.51 -28.04
C VAL F 64 -30.36 7.66 -27.99
N LYS F 65 -29.10 7.40 -28.36
CA LYS F 65 -28.06 8.41 -28.29
C LYS F 65 -28.27 9.46 -29.39
N GLY F 66 -28.36 10.72 -28.98
CA GLY F 66 -28.62 11.83 -29.89
C GLY F 66 -30.09 12.11 -30.12
N ARG F 67 -30.97 11.32 -29.50
CA ARG F 67 -32.42 11.48 -29.62
C ARG F 67 -33.06 12.03 -28.35
N PHE F 68 -32.37 11.97 -27.21
CA PHE F 68 -32.91 12.42 -25.93
C PHE F 68 -31.98 13.48 -25.34
N THR F 69 -32.56 14.34 -24.50
CA THR F 69 -31.81 15.41 -23.86
C THR F 69 -32.17 15.47 -22.38
N ILE F 70 -31.23 15.04 -21.53
CA ILE F 70 -31.41 15.06 -20.08
C ILE F 70 -30.77 16.33 -19.52
N SER F 71 -31.47 16.99 -18.59
CA SER F 71 -30.99 18.22 -17.97
C SER F 71 -31.54 18.33 -16.55
N ARG F 72 -30.68 18.66 -15.60
CA ARG F 72 -31.10 18.82 -14.21
C ARG F 72 -31.14 20.30 -13.86
N ASP F 73 -32.13 20.68 -13.06
CA ASP F 73 -32.32 22.05 -12.61
C ASP F 73 -32.20 22.06 -11.09
N ASN F 74 -31.02 22.49 -10.59
CA ASN F 74 -30.77 22.52 -9.15
C ASN F 74 -31.41 23.74 -8.50
N ALA F 75 -31.84 24.72 -9.31
CA ALA F 75 -32.46 25.93 -8.79
C ALA F 75 -33.86 25.62 -8.23
N LYS F 76 -34.66 24.86 -8.98
CA LYS F 76 -36.02 24.53 -8.60
C LYS F 76 -36.19 23.09 -8.14
N ASN F 77 -35.11 22.29 -8.18
CA ASN F 77 -35.06 20.90 -7.71
C ASN F 77 -35.89 20.00 -8.63
N THR F 78 -35.53 19.93 -9.92
CA THR F 78 -36.30 19.11 -10.84
C THR F 78 -35.42 18.51 -11.94
N LEU F 79 -35.69 17.25 -12.28
CA LEU F 79 -34.99 16.56 -13.38
C LEU F 79 -35.88 16.60 -14.62
N TYR F 80 -35.31 17.06 -15.74
CA TYR F 80 -36.07 17.44 -16.93
C TYR F 80 -35.54 16.65 -18.13
N LEU F 81 -36.42 15.85 -18.77
CA LEU F 81 -36.02 15.03 -19.90
C LEU F 81 -36.83 15.43 -21.14
N GLN F 82 -36.14 15.75 -22.22
CA GLN F 82 -36.75 16.05 -23.52
C GLN F 82 -36.57 14.86 -24.46
N MET F 83 -37.66 14.48 -25.15
CA MET F 83 -37.66 13.35 -26.05
C MET F 83 -38.24 13.78 -27.40
N ASN F 84 -37.38 13.91 -28.42
CA ASN F 84 -37.84 14.25 -29.77
C ASN F 84 -37.63 13.04 -30.69
N SER F 85 -38.35 13.05 -31.82
CA SER F 85 -38.31 12.02 -32.87
C SER F 85 -38.61 10.64 -32.29
N LEU F 86 -39.81 10.52 -31.72
CA LEU F 86 -40.23 9.34 -30.99
C LEU F 86 -40.49 8.17 -31.93
N LYS F 87 -40.27 6.96 -31.41
CA LYS F 87 -40.33 5.72 -32.14
C LYS F 87 -41.33 4.78 -31.48
N PRO F 88 -42.07 3.96 -32.26
CA PRO F 88 -42.94 2.92 -31.68
C PRO F 88 -42.26 1.93 -30.74
N GLU F 89 -40.94 1.73 -30.85
CA GLU F 89 -40.21 0.82 -29.96
C GLU F 89 -39.81 1.47 -28.64
N ASP F 90 -40.16 2.75 -28.43
CA ASP F 90 -39.75 3.47 -27.21
C ASP F 90 -40.88 3.52 -26.18
N THR F 91 -41.94 2.73 -26.35
CA THR F 91 -42.98 2.64 -25.34
C THR F 91 -42.48 1.81 -24.15
N ALA F 92 -42.70 2.33 -22.95
CA ALA F 92 -42.19 1.74 -21.71
C ALA F 92 -42.75 2.51 -20.52
N VAL F 93 -42.49 1.96 -19.33
CA VAL F 93 -42.68 2.68 -18.08
C VAL F 93 -41.34 3.32 -17.73
N TYR F 94 -41.37 4.61 -17.38
CA TYR F 94 -40.16 5.37 -17.11
C TYR F 94 -40.00 5.62 -15.61
N TYR F 95 -38.76 5.42 -15.14
CA TYR F 95 -38.38 5.52 -13.74
C TYR F 95 -37.28 6.56 -13.61
N CYS F 96 -37.54 7.57 -12.77
CA CYS F 96 -36.53 8.53 -12.37
C CYS F 96 -35.75 7.92 -11.19
N ALA F 97 -34.49 7.56 -11.42
CA ALA F 97 -33.71 6.86 -10.42
C ALA F 97 -32.56 7.72 -9.92
N ARG F 98 -32.22 7.51 -8.65
CA ARG F 98 -31.15 8.22 -7.96
C ARG F 98 -30.05 7.23 -7.61
N CYS F 99 -28.81 7.68 -7.68
CA CYS F 99 -27.70 6.86 -7.24
C CYS F 99 -27.64 6.85 -5.72
N PRO F 100 -27.37 5.69 -5.09
CA PRO F 100 -27.55 5.57 -3.63
C PRO F 100 -26.63 6.46 -2.78
N ALA F 101 -25.42 6.76 -3.26
CA ALA F 101 -24.48 7.48 -2.42
C ALA F 101 -24.21 8.87 -2.97
N PRO F 102 -23.97 9.85 -2.09
CA PRO F 102 -23.56 11.18 -2.54
C PRO F 102 -22.06 11.24 -2.84
N PHE F 103 -21.70 12.18 -3.71
CA PHE F 103 -20.31 12.53 -4.05
C PHE F 103 -19.52 11.32 -4.54
N THR F 104 -20.10 10.58 -5.48
CA THR F 104 -19.47 9.39 -6.02
C THR F 104 -19.72 9.34 -7.53
N ARG F 105 -19.14 8.31 -8.16
CA ARG F 105 -19.18 8.15 -9.61
C ARG F 105 -19.90 6.86 -10.03
N ASP F 106 -19.91 5.85 -9.18
CA ASP F 106 -20.48 4.54 -9.49
C ASP F 106 -21.93 4.46 -8.99
N CYS F 107 -22.75 3.69 -9.71
CA CYS F 107 -24.15 3.52 -9.35
C CYS F 107 -24.55 2.07 -9.61
N PHE F 108 -25.55 1.59 -8.85
CA PHE F 108 -26.07 0.23 -8.96
C PHE F 108 -27.61 0.31 -8.87
N ASP F 109 -28.26 0.70 -9.97
CA ASP F 109 -29.69 1.03 -9.93
C ASP F 109 -30.45 0.41 -11.11
N VAL F 110 -30.11 -0.83 -11.47
CA VAL F 110 -30.83 -1.57 -12.50
C VAL F 110 -31.58 -2.75 -11.85
N THR F 111 -31.65 -2.74 -10.53
CA THR F 111 -32.20 -3.86 -9.77
C THR F 111 -33.73 -3.77 -9.76
N SER F 112 -34.38 -4.81 -10.30
CA SER F 112 -35.84 -4.87 -10.29
C SER F 112 -36.39 -5.28 -8.92
N THR F 113 -35.52 -5.81 -8.04
CA THR F 113 -35.95 -6.30 -6.73
C THR F 113 -36.09 -5.13 -5.76
N THR F 114 -37.11 -4.29 -6.04
CA THR F 114 -37.59 -3.23 -5.15
C THR F 114 -36.46 -2.27 -4.76
N TYR F 115 -35.74 -1.76 -5.76
CA TYR F 115 -34.76 -0.70 -5.55
C TYR F 115 -35.48 0.52 -4.99
N ALA F 116 -35.08 0.95 -3.79
CA ALA F 116 -35.85 1.89 -3.00
C ALA F 116 -35.81 3.31 -3.55
N TYR F 117 -34.83 3.65 -4.37
CA TYR F 117 -34.52 5.04 -4.69
C TYR F 117 -35.03 5.47 -6.06
N ARG F 118 -36.05 4.81 -6.60
CA ARG F 118 -36.64 5.22 -7.87
C ARG F 118 -38.12 5.53 -7.67
N GLY F 119 -38.63 6.42 -8.53
CA GLY F 119 -40.02 6.83 -8.48
C GLY F 119 -40.96 5.74 -8.94
N GLN F 120 -42.26 6.03 -8.78
CA GLN F 120 -43.31 5.06 -9.11
C GLN F 120 -43.45 4.84 -10.62
N GLY F 121 -43.04 5.81 -11.43
CA GLY F 121 -43.00 5.61 -12.87
C GLY F 121 -44.11 6.34 -13.59
N THR F 122 -43.89 6.56 -14.89
CA THR F 122 -44.89 7.13 -15.77
C THR F 122 -44.96 6.31 -17.06
N GLN F 123 -46.15 6.26 -17.66
CA GLN F 123 -46.42 5.43 -18.82
C GLN F 123 -46.24 6.24 -20.09
N VAL F 124 -45.37 5.77 -20.99
CA VAL F 124 -45.22 6.36 -22.31
C VAL F 124 -45.54 5.29 -23.34
N THR F 125 -46.52 5.58 -24.20
CA THR F 125 -47.03 4.65 -25.20
C THR F 125 -47.03 5.34 -26.56
N VAL F 126 -46.65 4.59 -27.60
CA VAL F 126 -46.67 5.08 -28.97
C VAL F 126 -47.42 4.08 -29.84
C1 CLR G . 42.49 -1.56 -22.21
C2 CLR G . 43.95 -1.38 -21.80
C3 CLR G . 44.42 0.02 -22.18
C4 CLR G . 43.64 1.04 -21.36
C5 CLR G . 42.14 0.83 -21.58
C6 CLR G . 41.41 1.89 -21.86
C7 CLR G . 39.93 1.83 -22.11
C8 CLR G . 39.33 0.54 -21.54
C9 CLR G . 40.16 -0.64 -22.04
C10 CLR G . 41.58 -0.56 -21.48
C11 CLR G . 39.50 -1.99 -21.76
C12 CLR G . 38.01 -2.04 -22.13
C13 CLR G . 37.23 -0.88 -21.52
C14 CLR G . 37.89 0.41 -22.04
C15 CLR G . 36.91 1.50 -21.59
C16 CLR G . 35.53 0.84 -21.81
C17 CLR G . 35.77 -0.69 -21.96
C18 CLR G . 37.31 -0.94 -19.98
C19 CLR G . 41.55 -0.93 -19.99
C20 CLR G . 34.76 -1.60 -21.20
C21 CLR G . 34.47 -2.86 -22.03
C22 CLR G . 33.47 -0.89 -20.75
C23 CLR G . 32.25 -1.14 -21.64
C24 CLR G . 31.06 -0.32 -21.14
C25 CLR G . 29.76 -0.84 -21.71
C26 CLR G . 28.62 0.11 -21.43
C27 CLR G . 29.44 -2.23 -21.21
O1 CLR G . 45.82 0.15 -21.92
C1 CLR H . 43.15 -8.52 -14.62
C2 CLR H . 44.34 -7.56 -14.75
C3 CLR H . 44.40 -7.00 -16.16
C4 CLR H . 43.17 -6.13 -16.37
C5 CLR H . 41.94 -6.99 -16.17
C6 CLR H . 41.01 -6.96 -17.11
C7 CLR H . 39.74 -7.76 -17.07
C8 CLR H . 39.46 -8.31 -15.67
C9 CLR H . 40.74 -8.90 -15.06
C10 CLR H . 41.82 -7.83 -14.92
C11 CLR H . 40.46 -9.62 -13.72
C12 CLR H . 39.33 -10.64 -13.83
C13 CLR H . 38.07 -10.02 -14.43
C14 CLR H . 38.44 -9.43 -15.80
C15 CLR H . 37.08 -9.07 -16.40
C16 CLR H . 36.18 -10.24 -15.95
C17 CLR H . 36.93 -10.97 -14.80
C18 CLR H . 37.54 -8.91 -13.51
C19 CLR H . 41.48 -6.87 -13.79
C20 CLR H . 36.04 -11.40 -13.60
C21 CLR H . 36.45 -12.82 -13.16
C22 CLR H . 34.53 -11.25 -13.86
C23 CLR H . 33.73 -12.56 -13.93
C24 CLR H . 32.24 -12.23 -14.05
C25 CLR H . 31.37 -13.43 -13.82
C26 CLR H . 29.92 -13.19 -14.12
C27 CLR H . 31.57 -14.14 -12.48
O1 CLR H . 45.59 -6.22 -16.32
C1 CLR I . 43.74 16.36 -18.11
C2 CLR I . 45.26 16.38 -18.03
C3 CLR I . 45.74 17.79 -17.71
C4 CLR I . 45.23 18.19 -16.32
C5 CLR I . 43.73 18.01 -16.22
C6 CLR I . 43.03 18.97 -15.65
C7 CLR I . 41.52 18.92 -15.49
C8 CLR I . 41.02 17.49 -15.63
C9 CLR I . 41.59 16.91 -16.93
C10 CLR I . 43.10 16.75 -16.77
C11 CLR I . 40.93 15.61 -17.38
C12 CLR I . 39.40 15.59 -17.24
C13 CLR I . 38.94 16.04 -15.85
C14 CLR I . 39.50 17.47 -15.69
C15 CLR I . 38.76 17.99 -14.45
C16 CLR I . 37.34 17.46 -14.68
C17 CLR I . 37.43 16.26 -15.66
C18 CLR I . 39.50 15.12 -14.77
C19 CLR I . 43.36 15.64 -15.76
C20 CLR I . 36.61 15.04 -15.17
C21 CLR I . 36.30 14.07 -16.32
C22 CLR I . 35.29 15.50 -14.51
C23 CLR I . 34.26 14.40 -14.30
C24 CLR I . 32.97 15.04 -13.79
C25 CLR I . 31.83 14.03 -13.72
C26 CLR I . 30.60 14.71 -13.13
C27 CLR I . 31.51 13.49 -15.12
O1 CLR I . 47.18 17.82 -17.74
C1 CLR J . 48.55 -7.69 15.39
C2 CLR J . 50.08 -7.62 15.45
C3 CLR J . 50.71 -8.94 14.99
C4 CLR J . 50.29 -9.19 13.53
C5 CLR J . 48.78 -9.15 13.42
C6 CLR J . 48.19 -10.17 12.85
C7 CLR J . 46.71 -10.29 12.68
C8 CLR J . 46.03 -8.92 12.76
C9 CLR J . 46.52 -8.13 13.97
C10 CLR J . 48.05 -7.95 13.97
C11 CLR J . 45.75 -6.80 14.10
C12 CLR J . 44.22 -6.95 14.07
C13 CLR J . 43.76 -7.82 12.89
C14 CLR J . 44.54 -9.15 12.96
C15 CLR J . 43.83 -10.03 11.95
C16 CLR J . 42.35 -9.65 12.12
C17 CLR J . 42.31 -8.32 12.91
C18 CLR J . 44.06 -7.09 11.57
C19 CLR J . 48.42 -6.77 13.08
C20 CLR J . 41.25 -7.31 12.42
C21 CLR J . 40.61 -6.64 13.65
C22 CLR J . 40.20 -7.86 11.45
C23 CLR J . 38.87 -8.27 12.10
C24 CLR J . 37.86 -8.71 11.04
C25 CLR J . 36.49 -8.87 11.67
C26 CLR J . 35.45 -9.20 10.60
C27 CLR J . 36.51 -9.97 12.73
O1 CLR J . 52.13 -8.86 15.09
C1 CLR K . 47.01 -16.30 -5.18
C2 CLR K . 48.50 -15.97 -5.19
C3 CLR K . 49.14 -16.54 -6.45
C4 CLR K . 48.58 -15.79 -7.65
C5 CLR K . 47.06 -15.92 -7.66
C6 CLR K . 46.49 -16.22 -8.80
C7 CLR K . 45.00 -16.38 -8.98
C8 CLR K . 44.22 -15.83 -7.79
C9 CLR K . 44.88 -16.25 -6.48
C10 CLR K . 46.29 -15.68 -6.39
C11 CLR K . 44.02 -15.90 -5.26
C12 CLR K . 42.57 -16.38 -5.40
C13 CLR K . 41.93 -15.88 -6.68
C14 CLR K . 42.81 -16.40 -7.84
C15 CLR K . 42.00 -16.09 -9.08
C16 CLR K . 40.59 -16.49 -8.63
C17 CLR K . 40.56 -16.47 -7.08
C18 CLR K . 41.87 -14.35 -6.70
C19 CLR K . 46.21 -14.16 -6.19
C20 CLR K . 39.28 -15.76 -6.56
C21 CLR K . 39.04 -15.99 -5.06
C22 CLR K . 38.07 -16.31 -7.31
C23 CLR K . 36.75 -15.67 -6.91
C24 CLR K . 35.64 -16.36 -7.71
C25 CLR K . 34.26 -15.84 -7.34
C26 CLR K . 33.22 -16.57 -8.19
C27 CLR K . 33.96 -16.07 -5.86
O1 CLR K . 50.57 -16.36 -6.39
C1 CLR L . 22.91 -8.49 12.60
C2 CLR L . 21.45 -8.82 12.30
C3 CLR L . 20.60 -7.57 12.47
C4 CLR L . 21.02 -6.57 11.40
C5 CLR L . 22.50 -6.28 11.51
C6 CLR L . 22.89 -5.02 11.47
C7 CLR L . 24.32 -4.58 11.57
C8 CLR L . 25.29 -5.74 11.32
C9 CLR L . 24.84 -6.96 12.12
C10 CLR L . 23.47 -7.44 11.64
C11 CLR L . 25.89 -8.08 12.11
C12 CLR L . 27.28 -7.59 12.51
C13 CLR L . 27.73 -6.42 11.62
C14 CLR L . 26.67 -5.32 11.79
C15 CLR L . 27.29 -4.11 11.09
C16 CLR L . 28.76 -4.21 11.52
C17 CLR L . 29.02 -5.66 12.00
C18 CLR L . 27.79 -6.88 10.15
C19 CLR L . 23.60 -8.08 10.26
C20 CLR L . 30.35 -6.21 11.41
C21 CLR L . 30.83 -7.49 12.12
C22 CLR L . 31.48 -5.17 11.43
C23 CLR L . 32.10 -4.98 12.81
C24 CLR L . 33.21 -3.93 12.76
C25 CLR L . 33.84 -3.71 14.15
C26 CLR L . 32.80 -3.17 15.12
C27 CLR L . 34.43 -5.02 14.69
O1 CLR L . 19.22 -7.90 12.32
C1 PLM M . 51.00 4.12 15.20
O1 PLM M . 50.32 4.47 14.20
O2 PLM M . 52.21 3.81 15.07
C2 PLM M . 50.35 4.09 16.57
C3 PLM M . 49.12 3.18 16.61
C4 PLM M . 47.85 3.94 16.21
C5 PLM M . 46.59 3.19 16.64
C6 PLM M . 45.37 3.61 15.82
C7 PLM M . 44.18 2.68 16.06
C8 PLM M . 43.07 2.94 15.03
C9 PLM M . 41.93 1.93 15.18
CA PLM M . 40.83 2.18 14.15
CB PLM M . 39.75 1.12 14.20
CC PLM M . 38.87 1.14 12.95
CD PLM M . 37.40 1.09 13.28
CE PLM M . 36.53 1.28 12.04
CF PLM M . 35.05 1.07 12.33
CG PLM M . 34.17 1.96 11.46
C1 PLM N . 12.56 -4.06 -25.72
O1 PLM N . 11.57 -4.23 -24.96
O2 PLM N . 13.32 -5.02 -25.98
C2 PLM N . 12.83 -2.70 -26.30
C3 PLM N . 14.33 -2.35 -26.32
C4 PLM N . 14.90 -2.18 -24.91
C5 PLM N . 16.39 -1.88 -24.95
C6 PLM N . 16.87 -1.18 -23.68
C7 PLM N . 18.40 -1.17 -23.60
C8 PLM N . 18.92 -0.36 -22.42
C9 PLM N . 20.43 -0.18 -22.51
CA PLM N . 20.98 0.66 -21.36
CB PLM N . 22.46 0.97 -21.54
CC PLM N . 23.04 1.73 -20.35
CD PLM N . 24.44 2.26 -20.63
CE PLM N . 25.03 2.96 -19.41
CF PLM N . 26.31 3.72 -19.73
CG PLM N . 26.91 4.39 -18.50
C1 PLM O . 18.73 -19.12 -0.42
O1 PLM O . 18.40 -19.76 -1.43
O2 PLM O . 19.37 -19.65 0.52
C2 PLM O . 18.34 -17.64 -0.31
C3 PLM O . 18.90 -16.81 -1.46
C4 PLM O . 20.42 -16.74 -1.45
C5 PLM O . 20.95 -15.91 -2.61
C6 PLM O . 22.44 -16.15 -2.89
C7 PLM O . 22.79 -15.83 -4.33
C8 PLM O . 24.27 -16.03 -4.64
C9 PLM O . 24.53 -16.09 -6.14
CA PLM O . 26.00 -15.89 -6.49
CB PLM O . 26.35 -14.42 -6.63
CC PLM O . 27.81 -14.13 -6.23
CD PLM O . 28.75 -14.09 -7.42
CE PLM O . 30.20 -14.24 -6.96
CF PLM O . 31.17 -13.47 -7.84
CG PLM O . 32.20 -12.74 -7.00
C1 PLM P . 52.24 -19.42 -1.88
O1 PLM P . 52.40 -19.68 -3.09
O2 PLM P . 53.18 -18.97 -1.18
C2 PLM P . 50.88 -19.65 -1.22
C3 PLM P . 49.83 -18.66 -1.72
C4 PLM P . 48.47 -18.95 -1.10
C5 PLM P . 47.31 -18.47 -1.97
C6 PLM P . 46.00 -19.18 -1.59
C7 PLM P . 44.77 -18.47 -2.15
C8 PLM P . 43.49 -18.91 -1.45
C9 PLM P . 42.26 -18.24 -2.04
CA PLM P . 40.97 -18.76 -1.41
CB PLM P . 39.72 -18.14 -2.03
CC PLM P . 38.44 -18.63 -1.35
CD PLM P . 37.18 -18.13 -2.05
CE PLM P . 35.91 -18.64 -1.37
CF PLM P . 34.67 -18.43 -2.22
CG PLM P . 33.42 -19.02 -1.58
#